data_5W34
#
_entry.id   5W34
#
_cell.length_a   43.781
_cell.length_b   212.116
_cell.length_c   47.418
_cell.angle_alpha   90.00
_cell.angle_beta   107.87
_cell.angle_gamma   90.00
#
_symmetry.space_group_name_H-M   'P 1 21 1'
#
loop_
_entity.id
_entity.type
_entity.pdbx_description
1 polymer 'DNA primase'
2 polymer "DNA oligomer 5'-CCACTTCCGGTC"
3 polymer "DNA oligomer 5'-GACCGGAAGTGG"
#
loop_
_entity_poly.entity_id
_entity_poly.type
_entity_poly.pdbx_seq_one_letter_code
_entity_poly.pdbx_strand_id
1 'polypeptide(L)'
;GPHMGSRSRLLAANAAAAAFYAQALQSDEAAPARQYLTERSFDAAAARKFGCGFAPSGWDSLTKHLQRKGFEFEELEAAG
LSRQGRHGPMDRFHRRLLWPIRTSAGEVVGFGARRLFDDDAMEAKYVNTPETLLYKKSSVMFGIDLAKRDIAKGHQAVVV
EGYTDVMAMHLAGVTTAVASCGTAFGGEHLAMLRRLMMDDSFFRGELIYVFDGDEAGRAAALKAFDGEQKLAGQSFVAVA
PDGMDPCDLRLKCGDAALRDLVARRTPLFEFAIRAAIAEMDLDSAEGRVAALRRCVPMVGQIKDPTLRDEYARQLAGWVG
WADVA
;
A,B
2 'polydeoxyribonucleotide' (DC)(DC)(DA)(DC)(DT)(DT)(DC)(DC)(DG)(DG)(DT)(DC) C
3 'polydeoxyribonucleotide' (DG)(DA)(DC)(DC)(DG)(DG)(DA)(DA)(DG)(DT)(DG)(DG) D
#
loop_
_chem_comp.id
_chem_comp.type
_chem_comp.name
_chem_comp.formula
DA DNA linking 2'-DEOXYADENOSINE-5'-MONOPHOSPHATE 'C10 H14 N5 O6 P'
DC DNA linking 2'-DEOXYCYTIDINE-5'-MONOPHOSPHATE 'C9 H14 N3 O7 P'
DG DNA linking 2'-DEOXYGUANOSINE-5'-MONOPHOSPHATE 'C10 H14 N5 O7 P'
DT DNA linking THYMIDINE-5'-MONOPHOSPHATE 'C10 H15 N2 O8 P'
#
# COMPACT_ATOMS: atom_id res chain seq x y z
N MET A 4 21.59 -34.34 21.93
CA MET A 4 21.70 -35.64 21.19
C MET A 4 20.56 -35.79 20.19
N GLY A 5 20.81 -35.40 18.94
CA GLY A 5 19.80 -35.40 17.89
C GLY A 5 18.76 -34.31 18.05
N SER A 6 19.12 -33.23 18.73
CA SER A 6 18.22 -32.11 18.99
C SER A 6 18.17 -31.19 17.77
N ARG A 7 17.40 -30.11 17.87
CA ARG A 7 17.31 -29.12 16.79
C ARG A 7 18.62 -28.36 16.61
N SER A 8 19.17 -27.85 17.71
CA SER A 8 20.46 -27.15 17.70
C SER A 8 21.64 -28.02 17.28
N ARG A 9 21.49 -29.34 17.46
CA ARG A 9 22.48 -30.31 17.02
C ARG A 9 22.46 -30.47 15.49
N LEU A 10 21.25 -30.60 14.93
CA LEU A 10 21.06 -30.69 13.48
C LEU A 10 21.41 -29.38 12.73
N LEU A 11 21.22 -28.23 13.38
CA LEU A 11 21.70 -26.96 12.85
C LEU A 11 23.22 -26.90 12.83
N ALA A 12 23.84 -27.38 13.91
CA ALA A 12 25.30 -27.47 14.01
C ALA A 12 25.90 -28.37 12.93
N ALA A 13 25.26 -29.52 12.70
CA ALA A 13 25.69 -30.47 11.68
C ALA A 13 25.62 -29.89 10.27
N ASN A 14 24.51 -29.20 9.97
CA ASN A 14 24.29 -28.58 8.65
C ASN A 14 25.25 -27.42 8.38
N ALA A 15 25.44 -26.55 9.37
CA ALA A 15 26.38 -25.42 9.26
C ALA A 15 27.82 -25.89 9.03
N ALA A 16 28.23 -26.90 9.78
CA ALA A 16 29.55 -27.52 9.60
C ALA A 16 29.67 -28.24 8.26
N ALA A 17 28.56 -28.78 7.76
CA ALA A 17 28.52 -29.37 6.41
C ALA A 17 28.67 -28.31 5.33
N ALA A 18 27.99 -27.17 5.51
CA ALA A 18 28.08 -26.04 4.56
C ALA A 18 29.48 -25.42 4.54
N ALA A 19 30.18 -25.48 5.67
CA ALA A 19 31.58 -25.06 5.76
C ALA A 19 32.51 -26.03 5.01
N PHE A 20 32.27 -27.33 5.21
CA PHE A 20 33.05 -28.39 4.54
C PHE A 20 32.87 -28.34 3.02
N TYR A 21 31.62 -28.26 2.59
CA TYR A 21 31.27 -28.16 1.17
C TYR A 21 31.81 -26.88 0.50
N ALA A 22 31.88 -25.78 1.25
CA ALA A 22 32.41 -24.51 0.72
C ALA A 22 33.92 -24.58 0.51
N GLN A 23 34.63 -25.22 1.44
CA GLN A 23 36.06 -25.52 1.30
C GLN A 23 36.34 -26.41 0.09
N ALA A 24 35.46 -27.40 -0.10
CA ALA A 24 35.58 -28.35 -1.21
C ALA A 24 35.41 -27.74 -2.61
N LEU A 25 34.77 -26.57 -2.68
CA LEU A 25 34.61 -25.83 -3.96
C LEU A 25 35.92 -25.24 -4.51
N GLN A 26 36.92 -25.05 -3.65
CA GLN A 26 38.23 -24.54 -4.09
C GLN A 26 39.25 -25.66 -4.42
N SER A 27 38.77 -26.89 -4.62
CA SER A 27 39.61 -28.06 -4.84
C SER A 27 39.82 -28.34 -6.34
N ASP A 28 40.52 -29.44 -6.65
CA ASP A 28 40.83 -29.80 -8.03
C ASP A 28 39.60 -30.31 -8.79
N GLU A 29 38.93 -31.30 -8.21
CA GLU A 29 37.73 -31.91 -8.82
C GLU A 29 36.48 -31.01 -8.90
N ALA A 30 36.48 -29.91 -8.15
CA ALA A 30 35.40 -28.91 -8.18
C ALA A 30 35.57 -27.83 -9.28
N ALA A 31 36.54 -28.01 -10.18
CA ALA A 31 36.75 -27.09 -11.31
C ALA A 31 35.52 -26.88 -12.20
N PRO A 32 34.76 -27.96 -12.52
CA PRO A 32 33.50 -27.75 -13.27
C PRO A 32 32.44 -26.91 -12.54
N ALA A 33 32.40 -27.01 -11.21
CA ALA A 33 31.51 -26.19 -10.39
C ALA A 33 31.93 -24.71 -10.39
N ARG A 34 33.23 -24.47 -10.25
CA ARG A 34 33.78 -23.10 -10.32
C ARG A 34 33.56 -22.46 -11.69
N GLN A 35 33.73 -23.27 -12.75
CA GLN A 35 33.51 -22.80 -14.11
C GLN A 35 32.03 -22.47 -14.31
N TYR A 36 31.17 -23.45 -14.01
CA TYR A 36 29.70 -23.28 -14.09
C TYR A 36 29.22 -21.91 -13.59
N LEU A 37 29.62 -21.56 -12.38
CA LEU A 37 29.24 -20.29 -11.75
C LEU A 37 29.83 -19.08 -12.49
N THR A 38 31.14 -19.11 -12.73
CA THR A 38 31.84 -18.04 -13.44
C THR A 38 31.46 -17.93 -14.93
N GLU A 39 30.99 -19.04 -15.52
CA GLU A 39 30.50 -19.07 -16.89
C GLU A 39 29.27 -18.17 -17.11
N ARG A 40 28.47 -17.98 -16.06
CA ARG A 40 27.36 -17.01 -16.09
C ARG A 40 27.59 -15.84 -15.12
N SER A 41 28.82 -15.34 -15.13
CA SER A 41 29.20 -14.09 -14.47
C SER A 41 29.07 -14.06 -12.94
N PHE A 42 29.08 -15.23 -12.29
CA PHE A 42 29.18 -15.31 -10.82
C PHE A 42 30.62 -15.63 -10.42
N ASP A 43 31.35 -14.58 -10.02
CA ASP A 43 32.72 -14.70 -9.54
C ASP A 43 32.80 -15.39 -8.17
N ALA A 44 34.02 -15.58 -7.66
CA ALA A 44 34.22 -16.22 -6.36
C ALA A 44 33.66 -15.41 -5.18
N ALA A 45 33.64 -14.08 -5.30
CA ALA A 45 33.05 -13.20 -4.27
C ALA A 45 31.55 -13.42 -4.11
N ALA A 46 30.87 -13.57 -5.26
CA ALA A 46 29.46 -13.92 -5.30
C ALA A 46 29.22 -15.31 -4.70
N ALA A 47 29.96 -16.30 -5.20
CA ALA A 47 29.89 -17.69 -4.69
C ALA A 47 30.07 -17.78 -3.16
N ARG A 48 30.94 -16.94 -2.60
CA ARG A 48 31.17 -16.90 -1.16
C ARG A 48 30.00 -16.26 -0.38
N LYS A 49 29.34 -15.27 -0.99
CA LYS A 49 28.19 -14.57 -0.39
C LYS A 49 26.99 -15.50 -0.15
N PHE A 50 26.61 -16.25 -1.17
CA PHE A 50 25.50 -17.21 -1.10
C PHE A 50 25.89 -18.56 -0.49
N GLY A 51 27.20 -18.77 -0.27
CA GLY A 51 27.70 -19.94 0.43
C GLY A 51 27.80 -21.19 -0.42
N CYS A 52 27.97 -21.01 -1.73
CA CYS A 52 28.02 -22.12 -2.69
C CYS A 52 29.15 -23.08 -2.35
N GLY A 53 28.94 -24.35 -2.67
CA GLY A 53 29.90 -25.42 -2.34
C GLY A 53 29.85 -26.59 -3.29
N PHE A 54 30.87 -27.44 -3.22
CA PHE A 54 30.98 -28.65 -4.05
C PHE A 54 30.89 -29.90 -3.17
N ALA A 55 30.03 -30.83 -3.56
CA ALA A 55 29.93 -32.13 -2.89
C ALA A 55 31.01 -33.05 -3.48
N PRO A 56 32.00 -33.48 -2.65
CA PRO A 56 33.10 -34.28 -3.18
C PRO A 56 32.70 -35.66 -3.71
N SER A 57 33.62 -36.29 -4.43
CA SER A 57 33.34 -37.45 -5.28
C SER A 57 33.13 -38.79 -4.57
N GLY A 58 33.86 -39.01 -3.47
CA GLY A 58 33.86 -40.30 -2.78
C GLY A 58 32.55 -40.72 -2.14
N TRP A 59 32.56 -41.90 -1.53
CA TRP A 59 31.37 -42.46 -0.88
C TRP A 59 30.92 -41.71 0.37
N ASP A 60 31.87 -41.23 1.18
CA ASP A 60 31.56 -40.76 2.54
C ASP A 60 32.53 -39.72 3.12
N SER A 61 32.96 -38.77 2.29
CA SER A 61 33.92 -37.74 2.74
C SER A 61 33.33 -36.81 3.81
N LEU A 62 32.09 -36.36 3.63
CA LEU A 62 31.41 -35.51 4.62
C LEU A 62 31.09 -36.26 5.92
N THR A 63 30.51 -37.45 5.77
CA THR A 63 30.06 -38.25 6.93
C THR A 63 31.18 -38.45 7.95
N LYS A 64 32.34 -38.90 7.47
CA LYS A 64 33.52 -39.06 8.31
C LYS A 64 33.98 -37.73 8.92
N HIS A 65 34.01 -36.68 8.10
CA HIS A 65 34.45 -35.34 8.53
C HIS A 65 33.65 -34.81 9.72
N LEU A 66 32.34 -35.09 9.74
CA LEU A 66 31.46 -34.69 10.83
C LEU A 66 31.58 -35.62 12.05
N GLN A 67 31.77 -36.92 11.78
CA GLN A 67 32.05 -37.88 12.86
C GLN A 67 33.32 -37.53 13.63
N ARG A 68 34.35 -37.06 12.92
CA ARG A 68 35.56 -36.55 13.56
C ARG A 68 35.29 -35.33 14.45
N LYS A 69 34.43 -34.43 13.98
CA LYS A 69 34.03 -33.25 14.74
C LYS A 69 33.15 -33.53 15.97
N GLY A 70 32.55 -34.73 16.04
CA GLY A 70 31.74 -35.16 17.19
C GLY A 70 30.37 -35.73 16.85
N PHE A 71 29.88 -35.49 15.63
CA PHE A 71 28.50 -35.79 15.28
C PHE A 71 28.28 -37.28 15.02
N GLU A 72 27.43 -37.90 15.85
CA GLU A 72 26.98 -39.29 15.64
C GLU A 72 26.27 -39.43 14.31
N PHE A 73 26.38 -40.60 13.70
CA PHE A 73 25.68 -40.90 12.44
C PHE A 73 24.16 -40.72 12.54
N GLU A 74 23.59 -41.08 13.69
CA GLU A 74 22.13 -41.02 13.90
C GLU A 74 21.61 -39.58 13.74
N GLU A 75 22.41 -38.60 14.18
CA GLU A 75 22.11 -37.19 14.03
C GLU A 75 22.21 -36.76 12.57
N LEU A 76 23.27 -37.21 11.90
CA LEU A 76 23.54 -36.88 10.50
C LEU A 76 22.50 -37.43 9.54
N GLU A 77 21.88 -38.56 9.88
CA GLU A 77 20.76 -39.10 9.11
C GLU A 77 19.49 -38.27 9.32
N ALA A 78 19.28 -37.81 10.56
CA ALA A 78 18.17 -36.90 10.89
C ALA A 78 18.33 -35.53 10.25
N ALA A 79 19.58 -35.06 10.14
CA ALA A 79 19.91 -33.80 9.47
C ALA A 79 19.81 -33.86 7.93
N GLY A 80 19.62 -35.04 7.37
CA GLY A 80 19.49 -35.24 5.93
C GLY A 80 20.81 -35.13 5.18
N LEU A 81 21.91 -35.37 5.88
CA LEU A 81 23.26 -35.26 5.31
C LEU A 81 23.79 -36.61 4.85
N SER A 82 23.62 -37.64 5.69
CA SER A 82 24.10 -38.98 5.40
C SER A 82 22.94 -39.98 5.27
N ARG A 83 23.28 -41.21 4.91
CA ARG A 83 22.33 -42.33 4.88
C ARG A 83 23.07 -43.67 4.92
N GLN A 84 22.51 -44.66 5.60
CA GLN A 84 23.20 -45.93 5.86
C GLN A 84 23.27 -46.82 4.62
N GLY A 85 24.50 -47.03 4.14
CA GLY A 85 24.78 -48.02 3.09
C GLY A 85 25.27 -49.33 3.71
N ARG A 86 25.49 -50.34 2.88
CA ARG A 86 25.74 -51.70 3.37
C ARG A 86 27.13 -51.89 4.00
N HIS A 87 28.15 -51.28 3.40
CA HIS A 87 29.52 -51.33 3.97
C HIS A 87 29.84 -50.14 4.90
N GLY A 88 28.80 -49.46 5.40
CA GLY A 88 28.95 -48.33 6.33
C GLY A 88 28.12 -47.13 5.89
N PRO A 89 28.16 -46.04 6.69
CA PRO A 89 27.53 -44.77 6.31
C PRO A 89 28.04 -44.18 4.99
N MET A 90 27.21 -43.37 4.34
CA MET A 90 27.59 -42.67 3.11
C MET A 90 26.85 -41.34 2.95
N ASP A 91 27.40 -40.48 2.11
CA ASP A 91 26.84 -39.14 1.86
C ASP A 91 25.54 -39.22 1.08
N ARG A 92 24.75 -38.15 1.15
CA ARG A 92 23.56 -37.98 0.32
C ARG A 92 23.95 -37.45 -1.05
N PHE A 93 24.73 -36.37 -1.06
CA PHE A 93 25.14 -35.69 -2.29
C PHE A 93 26.52 -36.16 -2.75
N HIS A 94 26.67 -36.30 -4.07
CA HIS A 94 27.94 -36.71 -4.71
C HIS A 94 28.16 -35.94 -6.02
N ARG A 95 29.28 -35.23 -6.11
CA ARG A 95 29.80 -34.64 -7.37
C ARG A 95 28.90 -33.55 -7.95
N ARG A 96 28.50 -32.61 -7.10
CA ARG A 96 27.49 -31.60 -7.47
C ARG A 96 27.78 -30.23 -6.88
N LEU A 97 27.27 -29.20 -7.54
CA LEU A 97 27.30 -27.84 -7.03
C LEU A 97 26.13 -27.69 -6.06
N LEU A 98 26.43 -27.37 -4.80
CA LEU A 98 25.41 -27.21 -3.76
C LEU A 98 25.18 -25.75 -3.40
N TRP A 99 23.92 -25.38 -3.22
CA TRP A 99 23.57 -24.16 -2.50
C TRP A 99 22.96 -24.54 -1.16
N PRO A 100 23.42 -23.89 -0.06
CA PRO A 100 22.68 -24.07 1.18
C PRO A 100 21.37 -23.30 1.14
N ILE A 101 20.36 -23.86 1.83
CA ILE A 101 19.06 -23.24 1.97
C ILE A 101 18.93 -22.95 3.45
N ARG A 102 18.56 -21.72 3.81
CA ARG A 102 18.57 -21.28 5.19
C ARG A 102 17.23 -20.74 5.64
N THR A 103 17.08 -20.63 6.95
CA THR A 103 15.96 -19.90 7.55
C THR A 103 16.16 -18.40 7.28
N SER A 104 15.15 -17.59 7.59
CA SER A 104 15.26 -16.13 7.44
C SER A 104 16.34 -15.52 8.35
N ALA A 105 16.62 -16.18 9.47
CA ALA A 105 17.72 -15.78 10.37
C ALA A 105 19.12 -15.96 9.75
N GLY A 106 19.27 -16.99 8.92
CA GLY A 106 20.56 -17.34 8.30
C GLY A 106 21.13 -18.71 8.65
N GLU A 107 20.33 -19.58 9.27
CA GLU A 107 20.78 -20.92 9.67
C GLU A 107 20.45 -21.97 8.62
N VAL A 108 21.45 -22.78 8.26
CA VAL A 108 21.33 -23.77 7.18
C VAL A 108 20.47 -24.96 7.64
N VAL A 109 19.31 -25.13 7.01
CA VAL A 109 18.40 -26.26 7.31
C VAL A 109 18.57 -27.44 6.34
N GLY A 110 18.98 -27.14 5.10
CA GLY A 110 19.24 -28.16 4.09
C GLY A 110 20.06 -27.66 2.91
N PHE A 111 20.07 -28.44 1.84
CA PHE A 111 20.88 -28.18 0.65
C PHE A 111 20.10 -28.49 -0.64
N GLY A 112 20.42 -27.73 -1.70
CA GLY A 112 19.92 -27.98 -3.05
C GLY A 112 21.12 -28.19 -3.96
N ALA A 113 21.03 -29.19 -4.84
CA ALA A 113 22.21 -29.70 -5.55
C ALA A 113 21.97 -29.91 -7.05
N ARG A 114 22.82 -29.29 -7.87
CA ARG A 114 22.75 -29.42 -9.34
C ARG A 114 23.72 -30.46 -9.89
N ARG A 115 23.27 -31.18 -10.92
CA ARG A 115 24.11 -32.14 -11.66
C ARG A 115 25.20 -31.39 -12.44
N LEU A 116 26.44 -31.89 -12.38
CA LEU A 116 27.57 -31.33 -13.13
C LEU A 116 28.21 -32.27 -14.17
N PHE A 117 27.91 -33.58 -14.10
CA PHE A 117 28.57 -34.59 -14.94
C PHE A 117 27.56 -35.51 -15.62
N ASP A 118 27.92 -35.98 -16.82
CA ASP A 118 27.09 -36.92 -17.59
C ASP A 118 27.14 -38.33 -17.01
N ASP A 119 28.28 -38.66 -16.39
CA ASP A 119 28.44 -39.93 -15.66
C ASP A 119 28.09 -39.81 -14.15
N ASP A 120 27.30 -38.80 -13.78
CA ASP A 120 26.86 -38.60 -12.39
C ASP A 120 25.91 -39.72 -12.01
N ALA A 121 26.07 -40.24 -10.80
CA ALA A 121 25.22 -41.30 -10.26
C ALA A 121 23.74 -40.99 -10.44
N MET A 122 23.33 -39.81 -9.96
CA MET A 122 21.94 -39.36 -10.07
C MET A 122 21.73 -38.65 -11.40
N GLU A 123 20.67 -39.05 -12.11
CA GLU A 123 20.33 -38.49 -13.43
C GLU A 123 19.46 -37.25 -13.32
N ALA A 124 18.80 -37.07 -12.17
CA ALA A 124 17.96 -35.89 -11.91
C ALA A 124 18.76 -34.59 -12.01
N LYS A 125 18.10 -33.53 -12.48
CA LYS A 125 18.77 -32.24 -12.73
C LYS A 125 19.10 -31.50 -11.42
N TYR A 126 18.17 -31.54 -10.47
CA TYR A 126 18.36 -30.96 -9.14
C TYR A 126 17.95 -31.95 -8.04
N VAL A 127 18.87 -32.24 -7.13
CA VAL A 127 18.59 -32.99 -5.91
C VAL A 127 18.38 -31.99 -4.78
N ASN A 128 17.59 -32.40 -3.78
CA ASN A 128 17.37 -31.60 -2.56
C ASN A 128 17.47 -32.49 -1.33
N THR A 129 17.57 -31.85 -0.18
CA THR A 129 17.51 -32.54 1.11
C THR A 129 16.07 -33.01 1.32
N PRO A 130 15.88 -34.22 1.88
CA PRO A 130 14.51 -34.70 2.12
C PRO A 130 13.87 -34.04 3.34
N GLU A 131 12.63 -34.42 3.61
CA GLU A 131 11.87 -33.84 4.73
C GLU A 131 12.49 -34.23 6.08
N THR A 132 13.36 -33.36 6.58
CA THR A 132 13.93 -33.48 7.92
C THR A 132 13.06 -32.72 8.92
N LEU A 133 13.50 -32.68 10.18
CA LEU A 133 12.88 -31.85 11.22
C LEU A 133 13.10 -30.34 10.98
N LEU A 134 14.13 -29.99 10.20
CA LEU A 134 14.39 -28.60 9.83
C LEU A 134 13.87 -28.25 8.44
N TYR A 135 14.17 -29.11 7.46
CA TYR A 135 13.85 -28.85 6.06
C TYR A 135 12.39 -29.15 5.77
N LYS A 136 11.64 -28.10 5.43
CA LYS A 136 10.21 -28.19 5.11
C LYS A 136 9.97 -27.63 3.71
N LYS A 137 10.06 -28.51 2.71
CA LYS A 137 9.87 -28.20 1.28
C LYS A 137 8.80 -27.15 0.97
N SER A 138 7.65 -27.27 1.62
CA SER A 138 6.51 -26.38 1.38
C SER A 138 6.69 -24.93 1.84
N SER A 139 7.57 -24.71 2.82
CA SER A 139 7.89 -23.36 3.34
C SER A 139 9.32 -22.87 3.08
N VAL A 140 10.16 -23.70 2.47
CA VAL A 140 11.58 -23.41 2.30
C VAL A 140 11.81 -22.53 1.06
N MET A 141 12.71 -21.54 1.20
CA MET A 141 13.00 -20.60 0.11
C MET A 141 14.46 -20.15 0.05
N PHE A 142 15.06 -20.27 -1.13
CA PHE A 142 16.42 -19.81 -1.37
C PHE A 142 16.44 -18.28 -1.53
N GLY A 143 17.35 -17.63 -0.80
CA GLY A 143 17.48 -16.17 -0.82
C GLY A 143 16.69 -15.42 0.23
N ILE A 144 15.96 -16.13 1.08
CA ILE A 144 15.13 -15.49 2.12
C ILE A 144 15.97 -14.80 3.19
N ASP A 145 17.08 -15.42 3.59
CA ASP A 145 18.00 -14.83 4.57
C ASP A 145 18.53 -13.47 4.12
N LEU A 146 18.84 -13.35 2.83
CA LEU A 146 19.35 -12.10 2.26
C LEU A 146 18.26 -11.06 2.02
N ALA A 147 17.04 -11.50 1.71
CA ALA A 147 15.90 -10.61 1.38
C ALA A 147 15.02 -10.21 2.56
N LYS A 148 14.89 -11.08 3.57
CA LYS A 148 14.09 -10.82 4.81
C LYS A 148 13.93 -9.34 5.21
N ARG A 149 15.05 -8.62 5.27
CA ARG A 149 15.05 -7.19 5.61
C ARG A 149 14.43 -6.36 4.48
N ASP A 150 14.98 -6.50 3.28
CA ASP A 150 14.66 -5.63 2.14
C ASP A 150 13.20 -5.72 1.64
N ILE A 151 12.56 -6.88 1.80
CA ILE A 151 11.16 -7.01 1.38
C ILE A 151 10.25 -6.29 2.38
N ALA A 152 10.65 -6.29 3.66
CA ALA A 152 9.91 -5.58 4.71
C ALA A 152 10.01 -4.06 4.56
N LYS A 153 11.23 -3.57 4.37
CA LYS A 153 11.46 -2.14 4.11
C LYS A 153 10.77 -1.70 2.81
N GLY A 154 11.11 -2.37 1.71
CA GLY A 154 10.63 -1.99 0.39
C GLY A 154 9.19 -2.31 0.05
N HIS A 155 8.55 -3.19 0.84
CA HIS A 155 7.17 -3.64 0.62
C HIS A 155 7.02 -4.26 -0.77
N GLN A 156 7.96 -5.12 -1.11
CA GLN A 156 8.03 -5.75 -2.41
C GLN A 156 8.74 -7.08 -2.28
N ALA A 157 8.15 -8.14 -2.81
CA ALA A 157 8.77 -9.45 -2.87
C ALA A 157 8.78 -9.89 -4.32
N VAL A 158 9.89 -10.48 -4.76
CA VAL A 158 10.10 -10.90 -6.15
C VAL A 158 10.35 -12.41 -6.18
N VAL A 159 9.53 -13.15 -6.91
CA VAL A 159 9.57 -14.62 -6.90
C VAL A 159 10.10 -15.20 -8.21
N VAL A 160 11.42 -15.44 -8.27
CA VAL A 160 12.06 -16.15 -9.38
C VAL A 160 11.93 -17.66 -9.18
N GLU A 161 12.35 -18.43 -10.19
CA GLU A 161 12.26 -19.89 -10.17
C GLU A 161 13.54 -20.57 -9.69
N GLY A 162 14.65 -20.29 -10.37
CA GLY A 162 15.91 -20.98 -10.15
C GLY A 162 16.81 -20.41 -9.06
N TYR A 163 17.79 -21.21 -8.65
CA TYR A 163 18.83 -20.80 -7.68
C TYR A 163 19.71 -19.70 -8.26
N THR A 164 20.17 -19.92 -9.49
CA THR A 164 20.96 -18.94 -10.23
C THR A 164 20.21 -17.63 -10.54
N ASP A 165 18.88 -17.67 -10.57
CA ASP A 165 18.07 -16.45 -10.71
C ASP A 165 18.09 -15.58 -9.45
N VAL A 166 18.07 -16.21 -8.28
CA VAL A 166 18.19 -15.47 -7.01
C VAL A 166 19.56 -14.78 -6.94
N MET A 167 20.61 -15.51 -7.32
CA MET A 167 21.98 -14.98 -7.35
C MET A 167 22.08 -13.73 -8.23
N ALA A 168 21.67 -13.88 -9.50
CA ALA A 168 21.68 -12.79 -10.48
C ALA A 168 20.95 -11.55 -9.99
N MET A 169 19.69 -11.73 -9.58
CA MET A 169 18.84 -10.64 -9.06
C MET A 169 19.52 -9.81 -7.97
N HIS A 170 20.10 -10.51 -6.99
CA HIS A 170 20.76 -9.86 -5.85
C HIS A 170 22.03 -9.11 -6.25
N LEU A 171 22.83 -9.69 -7.14
CA LEU A 171 24.01 -9.01 -7.67
C LEU A 171 23.62 -7.80 -8.52
N ALA A 172 22.47 -7.89 -9.19
CA ALA A 172 21.94 -6.80 -10.01
C ALA A 172 21.19 -5.71 -9.22
N GLY A 173 20.95 -5.92 -7.93
CA GLY A 173 20.32 -4.91 -7.05
C GLY A 173 18.89 -5.19 -6.63
N VAL A 174 18.28 -6.21 -7.22
CA VAL A 174 16.96 -6.72 -6.81
C VAL A 174 17.18 -7.62 -5.60
N THR A 175 17.37 -7.00 -4.44
CA THR A 175 17.67 -7.73 -3.19
C THR A 175 16.44 -8.35 -2.50
N THR A 176 15.25 -8.15 -3.09
CA THR A 176 14.02 -8.80 -2.62
C THR A 176 13.73 -10.17 -3.26
N ALA A 177 14.59 -10.63 -4.17
CA ALA A 177 14.35 -11.87 -4.91
C ALA A 177 14.43 -13.13 -4.05
N VAL A 178 13.53 -14.08 -4.33
CA VAL A 178 13.40 -15.34 -3.59
C VAL A 178 12.95 -16.45 -4.52
N ALA A 179 13.10 -17.71 -4.09
CA ALA A 179 12.84 -18.86 -4.95
C ALA A 179 12.41 -20.12 -4.18
N SER A 180 11.32 -20.74 -4.63
CA SER A 180 10.86 -22.01 -4.07
C SER A 180 11.73 -23.12 -4.65
N CYS A 181 12.68 -23.58 -3.86
CA CYS A 181 13.58 -24.67 -4.27
C CYS A 181 12.95 -26.03 -3.99
N GLY A 182 13.18 -26.99 -4.88
CA GLY A 182 12.61 -28.32 -4.78
C GLY A 182 11.24 -28.40 -5.42
N THR A 183 10.26 -27.78 -4.77
CA THR A 183 8.87 -27.71 -5.26
C THR A 183 8.59 -26.37 -5.95
N ALA A 184 7.38 -26.24 -6.50
CA ALA A 184 6.92 -24.97 -7.07
C ALA A 184 6.43 -24.04 -5.96
N PHE A 185 6.20 -22.78 -6.31
CA PHE A 185 5.72 -21.78 -5.35
C PHE A 185 4.31 -22.11 -4.90
N GLY A 186 4.01 -21.81 -3.64
CA GLY A 186 2.82 -22.35 -2.97
C GLY A 186 2.24 -21.47 -1.88
N GLY A 187 1.36 -22.08 -1.08
CA GLY A 187 0.52 -21.39 -0.12
C GLY A 187 1.26 -20.89 1.10
N GLU A 188 2.07 -21.76 1.69
CA GLU A 188 2.87 -21.39 2.86
C GLU A 188 3.97 -20.37 2.53
N HIS A 189 4.44 -20.35 1.29
CA HIS A 189 5.42 -19.35 0.85
C HIS A 189 4.77 -17.97 0.78
N LEU A 190 3.66 -17.87 0.07
CA LEU A 190 2.82 -16.65 0.02
C LEU A 190 2.46 -16.10 1.40
N ALA A 191 2.03 -17.00 2.28
CA ALA A 191 1.62 -16.65 3.65
C ALA A 191 2.78 -16.09 4.47
N MET A 192 4.00 -16.56 4.19
CA MET A 192 5.21 -16.03 4.80
C MET A 192 5.55 -14.64 4.24
N LEU A 193 5.57 -14.51 2.91
CA LEU A 193 5.92 -13.24 2.26
C LEU A 193 4.89 -12.15 2.48
N ARG A 194 3.61 -12.53 2.55
CA ARG A 194 2.53 -11.60 2.90
C ARG A 194 2.76 -11.03 4.31
N ARG A 195 3.10 -11.91 5.26
CA ARG A 195 3.40 -11.51 6.65
C ARG A 195 4.52 -10.48 6.78
N LEU A 196 5.67 -10.77 6.18
CA LEU A 196 6.82 -9.86 6.20
C LEU A 196 6.48 -8.43 5.79
N MET A 197 5.70 -8.30 4.72
CA MET A 197 5.36 -6.98 4.15
C MET A 197 4.28 -6.19 4.91
N MET A 198 3.63 -6.82 5.90
CA MET A 198 2.64 -6.15 6.73
C MET A 198 3.28 -5.20 7.75
N ASP A 199 4.29 -5.70 8.45
CA ASP A 199 4.81 -5.05 9.67
C ASP A 199 5.60 -3.78 9.35
N PHE A 202 2.52 -0.83 8.43
CA PHE A 202 2.83 -0.13 7.17
C PHE A 202 1.87 -0.53 6.03
N PHE A 203 1.19 -1.67 6.19
CA PHE A 203 -0.09 -2.00 5.50
C PHE A 203 0.00 -2.67 4.11
N ARG A 204 0.45 -1.94 3.09
CA ARG A 204 0.41 -2.43 1.69
C ARG A 204 1.46 -3.52 1.39
N GLY A 205 1.72 -3.79 0.11
CA GLY A 205 2.83 -4.66 -0.31
C GLY A 205 2.60 -5.30 -1.67
N GLU A 206 3.53 -5.06 -2.60
CA GLU A 206 3.50 -5.71 -3.93
C GLU A 206 4.05 -7.13 -3.86
N LEU A 207 3.85 -7.90 -4.92
CA LEU A 207 4.35 -9.28 -5.00
C LEU A 207 4.55 -9.70 -6.44
N ILE A 208 5.78 -9.63 -6.91
CA ILE A 208 6.12 -9.77 -8.32
C ILE A 208 6.58 -11.21 -8.63
N TYR A 209 5.99 -11.81 -9.67
CA TYR A 209 6.41 -13.12 -10.17
C TYR A 209 7.23 -12.92 -11.45
N VAL A 210 8.33 -13.67 -11.59
CA VAL A 210 9.21 -13.55 -12.74
C VAL A 210 9.40 -14.92 -13.39
N PHE A 211 8.79 -15.11 -14.55
CA PHE A 211 8.93 -16.33 -15.34
C PHE A 211 9.85 -16.06 -16.52
N ASP A 212 10.22 -17.12 -17.24
CA ASP A 212 10.90 -16.99 -18.54
C ASP A 212 9.94 -16.52 -19.62
N GLY A 213 10.48 -15.97 -20.72
CA GLY A 213 9.67 -15.52 -21.86
C GLY A 213 9.05 -16.67 -22.64
N ASP A 214 8.01 -17.27 -22.07
CA ASP A 214 7.44 -18.51 -22.61
C ASP A 214 6.02 -18.79 -22.06
N GLU A 215 5.48 -19.95 -22.42
CA GLU A 215 4.12 -20.38 -22.04
C GLU A 215 3.97 -20.84 -20.57
N ALA A 216 5.10 -20.97 -19.85
CA ALA A 216 5.10 -21.32 -18.43
C ALA A 216 4.34 -20.30 -17.56
N GLY A 217 4.46 -19.02 -17.91
CA GLY A 217 3.80 -17.95 -17.17
C GLY A 217 2.28 -17.91 -17.28
N ARG A 218 1.75 -18.20 -18.48
CA ARG A 218 0.30 -18.16 -18.71
C ARG A 218 -0.44 -19.36 -18.11
N ALA A 219 0.25 -20.50 -18.03
CA ALA A 219 -0.30 -21.72 -17.40
C ALA A 219 -0.39 -21.60 -15.89
N ALA A 220 0.69 -21.15 -15.24
CA ALA A 220 0.63 -20.82 -13.81
C ALA A 220 -0.38 -19.67 -13.52
N ALA A 221 -0.91 -19.04 -14.59
CA ALA A 221 -1.75 -17.83 -14.55
C ALA A 221 -3.24 -18.00 -14.83
N LEU A 222 -3.65 -18.98 -15.66
CA LEU A 222 -5.10 -19.30 -15.77
C LEU A 222 -5.70 -19.37 -14.35
N LYS A 223 -4.79 -19.62 -13.40
CA LYS A 223 -5.07 -19.74 -11.98
C LYS A 223 -5.16 -18.38 -11.27
N ALA A 224 -5.25 -17.27 -12.02
CA ALA A 224 -5.34 -15.93 -11.44
C ALA A 224 -6.76 -15.56 -11.00
N PHE A 225 -7.76 -16.10 -11.69
CA PHE A 225 -9.18 -15.76 -11.44
C PHE A 225 -9.89 -16.68 -10.44
N ASP A 226 -9.66 -17.99 -10.57
CA ASP A 226 -10.48 -19.04 -9.91
C ASP A 226 -10.83 -18.81 -8.42
N GLY A 227 -9.83 -18.76 -7.55
CA GLY A 227 -10.06 -18.54 -6.11
C GLY A 227 -10.37 -17.08 -5.82
N GLU A 228 -10.81 -16.78 -4.59
CA GLU A 228 -11.10 -15.39 -4.19
C GLU A 228 -9.83 -14.57 -4.28
N GLN A 229 -8.79 -15.04 -3.60
CA GLN A 229 -7.42 -14.49 -3.68
C GLN A 229 -7.36 -12.97 -3.84
N LYS A 230 -7.50 -12.26 -2.72
CA LYS A 230 -7.48 -10.79 -2.72
C LYS A 230 -6.05 -10.19 -2.70
N LEU A 231 -5.03 -11.05 -2.64
CA LEU A 231 -3.65 -10.65 -2.97
C LEU A 231 -3.41 -10.55 -4.49
N ALA A 232 -4.34 -11.05 -5.31
CA ALA A 232 -4.28 -10.89 -6.78
C ALA A 232 -4.37 -9.44 -7.26
N GLY A 233 -4.91 -8.54 -6.44
CA GLY A 233 -4.80 -7.10 -6.67
C GLY A 233 -3.37 -6.60 -6.57
N GLN A 234 -2.63 -7.13 -5.60
CA GLN A 234 -1.21 -6.78 -5.36
C GLN A 234 -0.19 -7.73 -6.03
N SER A 235 -0.66 -8.75 -6.77
CA SER A 235 0.24 -9.58 -7.58
C SER A 235 0.60 -8.88 -8.88
N PHE A 236 1.82 -9.14 -9.36
CA PHE A 236 2.30 -8.63 -10.65
C PHE A 236 3.13 -9.72 -11.35
N VAL A 237 3.34 -9.54 -12.65
CA VAL A 237 4.06 -10.51 -13.48
C VAL A 237 4.95 -9.77 -14.49
N ALA A 238 6.26 -9.81 -14.25
CA ALA A 238 7.26 -9.40 -15.23
C ALA A 238 7.68 -10.63 -16.03
N VAL A 239 8.03 -10.41 -17.30
CA VAL A 239 8.52 -11.49 -18.16
C VAL A 239 9.52 -10.94 -19.19
N ALA A 240 10.67 -11.62 -19.30
CA ALA A 240 11.81 -11.13 -20.07
C ALA A 240 11.69 -11.49 -21.56
N PRO A 241 12.64 -11.02 -22.40
CA PRO A 241 12.83 -11.53 -23.76
C PRO A 241 12.80 -13.06 -23.84
N ASP A 242 12.39 -13.57 -24.99
CA ASP A 242 12.01 -14.99 -25.11
C ASP A 242 13.20 -15.96 -24.96
N GLY A 243 12.95 -17.05 -24.22
CA GLY A 243 13.97 -18.05 -23.91
C GLY A 243 14.75 -17.80 -22.61
N MET A 244 14.70 -16.57 -22.10
CA MET A 244 15.64 -16.11 -21.08
C MET A 244 15.04 -16.12 -19.67
N ASP A 245 15.67 -16.87 -18.77
CA ASP A 245 15.46 -16.71 -17.32
C ASP A 245 16.26 -15.49 -16.83
N PRO A 246 16.01 -15.02 -15.59
CA PRO A 246 16.78 -13.88 -15.05
C PRO A 246 18.31 -14.02 -15.09
N CYS A 247 18.81 -15.25 -14.97
CA CYS A 247 20.24 -15.52 -15.04
C CYS A 247 20.82 -15.27 -16.44
N ASP A 248 20.12 -15.76 -17.46
CA ASP A 248 20.51 -15.54 -18.87
C ASP A 248 20.36 -14.08 -19.31
N LEU A 249 19.35 -13.38 -18.78
CA LEU A 249 19.12 -11.96 -19.07
C LEU A 249 20.29 -11.08 -18.60
N ARG A 250 20.90 -11.44 -17.47
CA ARG A 250 22.07 -10.73 -16.95
C ARG A 250 23.33 -10.95 -17.81
N LEU A 251 23.45 -12.15 -18.39
CA LEU A 251 24.55 -12.47 -19.31
C LEU A 251 24.47 -11.65 -20.61
N LYS A 252 23.30 -11.65 -21.24
CA LYS A 252 23.07 -10.91 -22.48
C LYS A 252 23.11 -9.39 -22.23
N CYS A 253 22.11 -8.87 -21.52
CA CYS A 253 21.88 -7.43 -21.41
C CYS A 253 22.68 -6.78 -20.28
N GLY A 254 22.34 -7.10 -19.03
CA GLY A 254 23.07 -6.57 -17.87
C GLY A 254 22.29 -6.49 -16.58
N ASP A 255 22.95 -5.95 -15.55
CA ASP A 255 22.34 -5.74 -14.22
C ASP A 255 21.20 -4.73 -14.24
N ALA A 256 21.32 -3.71 -15.09
CA ALA A 256 20.27 -2.71 -15.25
C ALA A 256 19.00 -3.28 -15.89
N ALA A 257 19.16 -4.27 -16.78
CA ALA A 257 18.02 -4.92 -17.45
C ALA A 257 17.09 -5.64 -16.46
N LEU A 258 17.68 -6.30 -15.46
CA LEU A 258 16.91 -7.01 -14.42
C LEU A 258 16.14 -6.06 -13.50
N ARG A 259 16.79 -4.99 -13.07
CA ARG A 259 16.13 -3.94 -12.27
C ARG A 259 14.88 -3.42 -12.98
N ASP A 260 15.06 -3.05 -14.25
CA ASP A 260 13.98 -2.50 -15.07
C ASP A 260 12.94 -3.55 -15.50
N LEU A 261 13.33 -4.82 -15.60
CA LEU A 261 12.36 -5.91 -15.81
C LEU A 261 11.36 -5.99 -14.66
N VAL A 262 11.90 -5.95 -13.44
CA VAL A 262 11.08 -5.93 -12.22
C VAL A 262 10.29 -4.63 -12.09
N ALA A 263 10.90 -3.49 -12.44
CA ALA A 263 10.22 -2.19 -12.38
C ALA A 263 9.13 -2.03 -13.45
N ARG A 264 9.36 -2.59 -14.65
CA ARG A 264 8.36 -2.63 -15.72
C ARG A 264 7.60 -3.96 -15.69
N ARG A 265 6.59 -3.99 -14.83
CA ARG A 265 5.81 -5.21 -14.53
C ARG A 265 4.35 -5.00 -14.93
N THR A 266 3.71 -6.10 -15.32
CA THR A 266 2.27 -6.10 -15.64
C THR A 266 1.52 -6.65 -14.43
N PRO A 267 0.41 -6.01 -14.01
CA PRO A 267 -0.46 -6.66 -13.01
C PRO A 267 -1.02 -8.01 -13.49
N LEU A 268 -1.35 -8.88 -12.54
CA LEU A 268 -1.71 -10.27 -12.84
C LEU A 268 -2.98 -10.41 -13.68
N PHE A 269 -4.00 -9.61 -13.40
CA PHE A 269 -5.23 -9.60 -14.22
C PHE A 269 -4.99 -8.97 -15.58
N GLU A 270 -4.26 -7.86 -15.64
CA GLU A 270 -3.87 -7.24 -16.93
C GLU A 270 -3.08 -8.22 -17.79
N PHE A 271 -2.11 -8.90 -17.17
CA PHE A 271 -1.31 -9.90 -17.87
C PHE A 271 -2.16 -11.03 -18.44
N ALA A 272 -3.12 -11.50 -17.65
CA ALA A 272 -4.01 -12.59 -18.06
C ALA A 272 -4.91 -12.22 -19.24
N ILE A 273 -5.48 -11.02 -19.21
CA ILE A 273 -6.36 -10.50 -20.26
C ILE A 273 -5.55 -10.34 -21.56
N ARG A 274 -4.50 -9.53 -21.50
CA ARG A 274 -3.68 -9.23 -22.68
C ARG A 274 -2.91 -10.42 -23.25
N ALA A 275 -2.78 -11.49 -22.47
CA ALA A 275 -2.28 -12.78 -22.99
C ALA A 275 -3.29 -13.43 -23.95
N ALA A 276 -4.56 -13.40 -23.59
CA ALA A 276 -5.65 -13.89 -24.44
C ALA A 276 -5.85 -13.01 -25.68
N ILE A 277 -5.64 -11.71 -25.53
CA ILE A 277 -5.66 -10.75 -26.66
C ILE A 277 -4.54 -11.05 -27.65
N ALA A 278 -3.36 -11.43 -27.14
CA ALA A 278 -2.21 -11.78 -27.98
C ALA A 278 -2.45 -13.00 -28.89
N GLU A 279 -3.33 -13.92 -28.47
CA GLU A 279 -3.63 -15.12 -29.25
C GLU A 279 -4.98 -15.02 -29.98
N MET A 280 -5.16 -13.91 -30.71
CA MET A 280 -6.44 -13.57 -31.35
C MET A 280 -6.22 -12.76 -32.63
N ASP A 281 -7.19 -12.81 -33.55
CA ASP A 281 -7.10 -12.14 -34.87
C ASP A 281 -6.78 -10.65 -34.77
N LEU A 282 -7.75 -9.85 -34.32
CA LEU A 282 -7.53 -8.44 -33.95
C LEU A 282 -7.19 -7.45 -35.08
N ASP A 283 -7.17 -7.89 -36.34
CA ASP A 283 -6.83 -7.03 -37.47
C ASP A 283 -8.11 -6.45 -38.07
N SER A 284 -9.03 -7.33 -38.46
CA SER A 284 -10.34 -6.94 -38.98
C SER A 284 -11.29 -6.49 -37.87
N ALA A 285 -12.40 -5.87 -38.24
CA ALA A 285 -13.45 -5.49 -37.28
C ALA A 285 -14.19 -6.71 -36.72
N GLU A 286 -14.30 -7.77 -37.53
CA GLU A 286 -14.79 -9.08 -37.06
C GLU A 286 -13.90 -9.66 -35.94
N GLY A 287 -12.59 -9.43 -36.03
CA GLY A 287 -11.63 -9.90 -35.03
C GLY A 287 -11.67 -9.18 -33.68
N ARG A 288 -11.87 -7.87 -33.72
CA ARG A 288 -12.00 -7.08 -32.48
C ARG A 288 -13.24 -7.46 -31.66
N VAL A 289 -14.37 -7.69 -32.32
CA VAL A 289 -15.62 -8.08 -31.65
C VAL A 289 -15.48 -9.47 -30.98
N ALA A 290 -14.86 -10.41 -31.68
CA ALA A 290 -14.61 -11.75 -31.13
C ALA A 290 -13.69 -11.72 -29.90
N ALA A 291 -12.69 -10.82 -29.95
CA ALA A 291 -11.78 -10.60 -28.84
C ALA A 291 -12.53 -10.01 -27.64
N LEU A 292 -13.31 -8.96 -27.90
CA LEU A 292 -14.15 -8.35 -26.87
C LEU A 292 -15.12 -9.36 -26.26
N ARG A 293 -15.65 -10.28 -27.08
CA ARG A 293 -16.54 -11.34 -26.59
C ARG A 293 -15.86 -12.37 -25.70
N ARG A 294 -14.67 -12.81 -26.10
CA ARG A 294 -13.94 -13.84 -25.34
C ARG A 294 -13.43 -13.37 -23.97
N CYS A 295 -13.16 -12.08 -23.82
CA CYS A 295 -12.53 -11.57 -22.60
C CYS A 295 -13.30 -10.49 -21.83
N VAL A 296 -14.62 -10.46 -21.97
CA VAL A 296 -15.48 -9.89 -20.90
C VAL A 296 -15.81 -10.92 -19.82
N PRO A 297 -16.05 -12.23 -20.19
CA PRO A 297 -16.17 -13.23 -19.10
C PRO A 297 -15.02 -13.22 -18.09
N MET A 298 -13.82 -12.91 -18.56
CA MET A 298 -12.65 -12.72 -17.69
C MET A 298 -12.83 -11.53 -16.73
N VAL A 299 -13.24 -10.38 -17.27
CA VAL A 299 -13.47 -9.19 -16.46
C VAL A 299 -14.64 -9.42 -15.49
N GLY A 300 -15.61 -10.25 -15.89
CA GLY A 300 -16.71 -10.68 -15.01
C GLY A 300 -16.30 -11.60 -13.87
N GLN A 301 -15.28 -12.44 -14.11
CA GLN A 301 -14.69 -13.28 -13.06
C GLN A 301 -13.91 -12.51 -11.98
N ILE A 302 -13.55 -11.25 -12.27
CA ILE A 302 -12.97 -10.35 -11.26
C ILE A 302 -14.06 -10.00 -10.24
N LYS A 303 -13.82 -10.40 -8.99
CA LYS A 303 -14.85 -10.34 -7.94
C LYS A 303 -14.93 -8.95 -7.33
N ASP A 304 -13.80 -8.25 -7.28
CA ASP A 304 -13.74 -6.86 -6.83
C ASP A 304 -14.42 -5.93 -7.84
N PRO A 305 -15.42 -5.13 -7.39
CA PRO A 305 -16.20 -4.29 -8.32
C PRO A 305 -15.46 -3.07 -8.89
N THR A 306 -14.64 -2.43 -8.07
CA THR A 306 -13.89 -1.23 -8.49
C THR A 306 -12.74 -1.64 -9.41
N LEU A 307 -12.12 -2.77 -9.08
CA LEU A 307 -11.06 -3.33 -9.92
C LEU A 307 -11.60 -3.86 -11.24
N ARG A 308 -12.79 -4.46 -11.20
CA ARG A 308 -13.49 -4.95 -12.42
C ARG A 308 -13.74 -3.83 -13.41
N ASP A 309 -14.26 -2.71 -12.91
CA ASP A 309 -14.58 -1.56 -13.75
C ASP A 309 -13.34 -0.88 -14.33
N GLU A 310 -12.22 -0.91 -13.60
CA GLU A 310 -10.94 -0.42 -14.12
C GLU A 310 -10.49 -1.20 -15.34
N TYR A 311 -10.52 -2.53 -15.21
CA TYR A 311 -10.13 -3.43 -16.31
C TYR A 311 -11.11 -3.45 -17.49
N ALA A 312 -12.38 -3.13 -17.25
CA ALA A 312 -13.37 -2.99 -18.31
C ALA A 312 -13.06 -1.76 -19.18
N ARG A 313 -12.86 -0.62 -18.53
CA ARG A 313 -12.42 0.63 -19.21
C ARG A 313 -11.25 0.42 -20.18
N GLN A 314 -10.21 -0.27 -19.71
CA GLN A 314 -8.99 -0.48 -20.50
C GLN A 314 -9.17 -1.49 -21.64
N LEU A 315 -10.20 -2.34 -21.52
CA LEU A 315 -10.45 -3.42 -22.47
C LEU A 315 -10.75 -2.91 -23.89
N ALA A 316 -11.46 -1.79 -24.00
CA ALA A 316 -11.69 -1.11 -25.27
C ALA A 316 -10.38 -0.79 -25.98
N GLY A 317 -9.41 -0.30 -25.22
CA GLY A 317 -8.09 0.07 -25.73
C GLY A 317 -7.24 -1.12 -26.16
N TRP A 318 -7.21 -2.17 -25.34
CA TRP A 318 -6.37 -3.34 -25.61
C TRP A 318 -6.76 -4.11 -26.87
N VAL A 319 -8.04 -4.03 -27.23
CA VAL A 319 -8.58 -4.72 -28.41
C VAL A 319 -8.62 -3.73 -29.59
N GLY A 320 -7.44 -3.27 -30.02
CA GLY A 320 -7.27 -2.34 -31.16
C GLY A 320 -8.30 -1.24 -31.40
N TRP A 321 -8.74 -0.59 -30.31
CA TRP A 321 -9.87 0.37 -30.31
C TRP A 321 -11.21 -0.24 -30.80
N ALA A 322 -11.51 -1.46 -30.34
CA ALA A 322 -12.75 -2.18 -30.68
C ALA A 322 -13.07 -2.28 -32.17
N MET B 4 -30.01 7.36 33.17
CA MET B 4 -29.79 8.82 33.45
C MET B 4 -28.32 9.21 33.25
N GLY B 5 -28.06 10.10 32.30
CA GLY B 5 -26.72 10.62 32.04
C GLY B 5 -25.79 9.60 31.43
N SER B 6 -26.27 8.91 30.40
CA SER B 6 -25.51 7.87 29.68
C SER B 6 -25.64 8.08 28.18
N ARG B 7 -24.80 7.37 27.41
CA ARG B 7 -24.70 7.58 25.96
C ARG B 7 -26.05 7.58 25.25
N SER B 8 -26.87 6.55 25.50
CA SER B 8 -28.17 6.39 24.84
C SER B 8 -29.13 7.55 25.11
N ARG B 9 -29.01 8.14 26.31
CA ARG B 9 -29.81 9.30 26.69
C ARG B 9 -29.29 10.57 26.03
N LEU B 10 -27.98 10.80 26.13
CA LEU B 10 -27.34 12.01 25.58
C LEU B 10 -27.43 12.14 24.06
N LEU B 11 -27.40 11.00 23.35
CA LEU B 11 -27.59 11.01 21.90
C LEU B 11 -29.02 11.35 21.50
N ALA B 12 -29.99 11.04 22.37
CA ALA B 12 -31.39 11.46 22.17
C ALA B 12 -31.58 12.96 22.37
N ALA B 13 -30.82 13.53 23.32
CA ALA B 13 -30.82 14.98 23.57
C ALA B 13 -30.29 15.76 22.36
N ASN B 14 -29.12 15.36 21.85
CA ASN B 14 -28.54 15.95 20.63
C ASN B 14 -29.44 15.78 19.41
N ALA B 15 -30.09 14.61 19.30
CA ALA B 15 -31.08 14.34 18.26
C ALA B 15 -32.32 15.23 18.39
N ALA B 16 -32.80 15.38 19.62
CA ALA B 16 -33.90 16.31 19.92
C ALA B 16 -33.50 17.77 19.66
N ALA B 17 -32.25 18.11 19.98
CA ALA B 17 -31.70 19.44 19.74
C ALA B 17 -31.55 19.75 18.25
N ALA B 18 -31.04 18.77 17.50
CA ALA B 18 -30.89 18.89 16.05
C ALA B 18 -32.22 19.27 15.41
N ALA B 19 -33.28 18.57 15.80
CA ALA B 19 -34.65 18.84 15.35
C ALA B 19 -35.10 20.25 15.70
N PHE B 20 -34.83 20.67 16.94
CA PHE B 20 -35.19 22.02 17.40
C PHE B 20 -34.45 23.11 16.62
N TYR B 21 -33.14 22.96 16.47
CA TYR B 21 -32.32 23.92 15.71
C TYR B 21 -32.67 23.92 14.22
N ALA B 22 -33.01 22.76 13.67
CA ALA B 22 -33.49 22.66 12.28
C ALA B 22 -34.89 23.27 12.09
N GLN B 23 -35.72 23.18 13.13
CA GLN B 23 -37.03 23.86 13.18
C GLN B 23 -36.84 25.37 13.11
N ALA B 24 -35.97 25.89 13.99
CA ALA B 24 -35.72 27.33 14.13
C ALA B 24 -35.09 28.01 12.92
N LEU B 25 -34.51 27.25 12.00
CA LEU B 25 -33.96 27.82 10.76
C LEU B 25 -35.03 28.49 9.88
N GLN B 26 -36.28 28.07 9.98
CA GLN B 26 -37.38 28.62 9.17
C GLN B 26 -38.09 29.83 9.82
N SER B 27 -37.62 30.29 10.98
CA SER B 27 -38.22 31.44 11.68
C SER B 27 -37.88 32.77 10.99
N ASP B 28 -38.52 33.84 11.46
CA ASP B 28 -38.31 35.17 10.88
C ASP B 28 -36.92 35.75 11.16
N GLU B 29 -36.43 35.59 12.38
CA GLU B 29 -35.09 36.12 12.75
C GLU B 29 -33.90 35.34 12.16
N ALA B 30 -34.17 34.16 11.59
CA ALA B 30 -33.13 33.36 10.90
C ALA B 30 -32.97 33.71 9.41
N ALA B 31 -33.20 34.97 9.04
CA ALA B 31 -33.07 35.45 7.66
C ALA B 31 -31.62 35.52 7.13
N PRO B 32 -30.68 36.07 7.92
CA PRO B 32 -29.28 36.03 7.46
C PRO B 32 -28.65 34.62 7.40
N ALA B 33 -29.19 33.68 8.18
CA ALA B 33 -28.72 32.28 8.16
C ALA B 33 -29.06 31.59 6.83
N ARG B 34 -30.31 31.74 6.39
CA ARG B 34 -30.75 31.27 5.07
C ARG B 34 -30.04 32.01 3.93
N GLN B 35 -29.78 33.30 4.13
CA GLN B 35 -29.09 34.12 3.14
C GLN B 35 -27.62 33.72 2.97
N TYR B 36 -26.97 33.33 4.06
CA TYR B 36 -25.63 32.76 4.00
C TYR B 36 -25.58 31.57 3.07
N LEU B 37 -26.59 30.70 3.18
CA LEU B 37 -26.65 29.47 2.41
C LEU B 37 -26.93 29.74 0.93
N THR B 38 -27.99 30.50 0.64
CA THR B 38 -28.36 30.84 -0.74
C THR B 38 -27.33 31.76 -1.45
N GLU B 39 -26.60 32.56 -0.69
CA GLU B 39 -25.51 33.40 -1.24
C GLU B 39 -24.44 32.55 -1.94
N ARG B 40 -24.19 31.35 -1.39
CA ARG B 40 -23.27 30.39 -2.01
C ARG B 40 -23.99 29.10 -2.45
N SER B 41 -25.11 29.33 -3.16
CA SER B 41 -25.83 28.30 -3.92
C SER B 41 -26.35 27.07 -3.14
N PHE B 42 -26.56 27.23 -1.83
CA PHE B 42 -27.13 26.16 -1.01
C PHE B 42 -28.61 26.41 -0.79
N ASP B 43 -29.44 25.71 -1.57
CA ASP B 43 -30.90 25.76 -1.44
C ASP B 43 -31.37 25.09 -0.14
N ALA B 44 -32.67 25.22 0.15
CA ALA B 44 -33.27 24.67 1.36
C ALA B 44 -33.25 23.12 1.42
N ALA B 45 -33.24 22.46 0.26
CA ALA B 45 -33.12 21.00 0.19
C ALA B 45 -31.71 20.50 0.51
N ALA B 46 -30.70 21.31 0.19
CA ALA B 46 -29.31 21.03 0.58
C ALA B 46 -29.14 21.21 2.09
N ALA B 47 -29.59 22.36 2.59
CA ALA B 47 -29.62 22.68 4.02
C ALA B 47 -30.29 21.59 4.88
N ARG B 48 -31.39 21.03 4.37
CA ARG B 48 -32.12 19.97 5.05
C ARG B 48 -31.38 18.63 5.00
N LYS B 49 -30.61 18.39 3.93
CA LYS B 49 -29.78 17.16 3.82
C LYS B 49 -28.60 17.12 4.80
N PHE B 50 -27.99 18.27 5.05
CA PHE B 50 -26.88 18.39 6.01
C PHE B 50 -27.32 18.80 7.41
N GLY B 51 -28.64 18.87 7.64
CA GLY B 51 -29.19 19.17 8.95
C GLY B 51 -29.00 20.61 9.43
N CYS B 52 -28.75 21.53 8.51
CA CYS B 52 -28.47 22.93 8.86
C CYS B 52 -29.53 23.52 9.77
N GLY B 53 -29.11 24.34 10.73
CA GLY B 53 -30.00 24.89 11.74
C GLY B 53 -29.64 26.29 12.17
N PHE B 54 -30.52 26.88 12.99
CA PHE B 54 -30.31 28.22 13.54
C PHE B 54 -30.48 28.15 15.05
N ALA B 55 -29.58 28.84 15.76
CA ALA B 55 -29.65 28.95 17.21
C ALA B 55 -30.41 30.24 17.56
N PRO B 56 -31.59 30.14 18.19
CA PRO B 56 -32.31 31.37 18.54
C PRO B 56 -31.58 32.29 19.53
N SER B 57 -32.08 33.52 19.61
CA SER B 57 -31.38 34.64 20.25
C SER B 57 -31.58 34.77 21.76
N GLY B 58 -32.59 34.08 22.32
CA GLY B 58 -32.91 34.20 23.73
C GLY B 58 -31.89 33.62 24.70
N TRP B 59 -32.23 33.66 25.99
CA TRP B 59 -31.35 33.13 27.05
C TRP B 59 -31.30 31.60 27.08
N ASP B 60 -32.47 30.96 26.98
CA ASP B 60 -32.59 29.50 27.13
C ASP B 60 -33.73 28.90 26.30
N SER B 61 -33.77 29.25 25.02
CA SER B 61 -34.81 28.73 24.11
C SER B 61 -34.72 27.21 23.86
N LEU B 62 -33.51 26.65 23.95
CA LEU B 62 -33.28 25.19 23.79
C LEU B 62 -33.47 24.43 25.11
N THR B 63 -32.86 24.95 26.18
CA THR B 63 -32.90 24.27 27.49
C THR B 63 -34.35 24.01 27.93
N LYS B 64 -35.18 25.03 27.84
CA LYS B 64 -36.60 24.93 28.19
C LYS B 64 -37.36 23.93 27.31
N HIS B 65 -37.00 23.87 26.02
CA HIS B 65 -37.60 22.94 25.06
C HIS B 65 -37.30 21.48 25.39
N LEU B 66 -36.05 21.20 25.76
CA LEU B 66 -35.62 19.84 26.12
C LEU B 66 -36.06 19.44 27.53
N GLN B 67 -36.12 20.41 28.45
CA GLN B 67 -36.62 20.17 29.82
C GLN B 67 -38.09 19.73 29.84
N ARG B 68 -38.89 20.27 28.91
CA ARG B 68 -40.28 19.81 28.71
C ARG B 68 -40.34 18.43 28.07
N LYS B 69 -39.43 18.15 27.14
CA LYS B 69 -39.32 16.81 26.51
C LYS B 69 -38.87 15.70 27.48
N GLY B 70 -38.35 16.07 28.64
CA GLY B 70 -38.04 15.11 29.72
C GLY B 70 -36.60 15.13 30.22
N PHE B 71 -35.70 15.80 29.50
CA PHE B 71 -34.27 15.78 29.81
C PHE B 71 -33.92 16.62 31.04
N GLU B 72 -33.26 15.99 32.02
CA GLU B 72 -32.76 16.69 33.20
C GLU B 72 -31.56 17.54 32.77
N PHE B 73 -31.31 18.63 33.48
CA PHE B 73 -30.28 19.59 33.10
C PHE B 73 -28.86 18.99 33.05
N GLU B 74 -28.53 18.14 34.03
CA GLU B 74 -27.19 17.54 34.11
C GLU B 74 -26.83 16.68 32.90
N GLU B 75 -27.85 16.11 32.26
CA GLU B 75 -27.68 15.40 30.99
C GLU B 75 -27.36 16.38 29.86
N LEU B 76 -28.09 17.49 29.82
CA LEU B 76 -27.89 18.55 28.81
C LEU B 76 -26.54 19.24 28.93
N GLU B 77 -26.12 19.52 30.16
CA GLU B 77 -24.78 20.05 30.44
C GLU B 77 -23.68 19.13 29.91
N ALA B 78 -23.85 17.82 30.16
CA ALA B 78 -22.89 16.80 29.71
C ALA B 78 -22.83 16.65 28.18
N ALA B 79 -23.95 16.85 27.52
CA ALA B 79 -24.05 16.75 26.05
C ALA B 79 -23.56 18.00 25.29
N GLY B 80 -23.21 19.07 26.01
CA GLY B 80 -22.68 20.29 25.40
C GLY B 80 -23.74 21.11 24.66
N LEU B 81 -24.92 21.21 25.26
CA LEU B 81 -26.04 21.98 24.72
C LEU B 81 -26.40 23.17 25.61
N SER B 82 -26.53 22.90 26.92
CA SER B 82 -26.78 23.93 27.92
C SER B 82 -25.57 24.09 28.85
N ARG B 83 -25.62 25.10 29.71
CA ARG B 83 -24.51 25.42 30.61
C ARG B 83 -24.94 26.15 31.89
N GLN B 84 -24.02 26.19 32.85
CA GLN B 84 -24.26 26.75 34.18
C GLN B 84 -24.41 28.28 34.11
N GLY B 85 -25.63 28.77 34.33
CA GLY B 85 -25.93 30.20 34.35
C GLY B 85 -26.24 30.72 35.75
N ARG B 86 -26.34 32.04 35.88
CA ARG B 86 -26.69 32.68 37.15
C ARG B 86 -28.16 32.45 37.55
N HIS B 87 -29.08 33.06 36.82
CA HIS B 87 -30.53 32.98 37.13
C HIS B 87 -31.17 31.80 36.39
N GLY B 88 -30.71 30.59 36.73
CA GLY B 88 -31.11 29.36 36.02
C GLY B 88 -30.09 28.96 34.96
N PRO B 89 -30.34 27.86 34.25
CA PRO B 89 -29.43 27.39 33.20
C PRO B 89 -29.67 28.14 31.87
N MET B 90 -28.64 28.16 31.02
CA MET B 90 -28.70 28.85 29.71
C MET B 90 -28.15 28.00 28.58
N ASP B 91 -28.42 28.44 27.35
CA ASP B 91 -27.94 27.76 26.14
C ASP B 91 -26.46 28.00 25.87
N ARG B 92 -25.90 27.17 24.98
CA ARG B 92 -24.51 27.30 24.56
C ARG B 92 -24.43 28.23 23.37
N PHE B 93 -25.17 27.92 22.31
CA PHE B 93 -25.11 28.66 21.04
C PHE B 93 -26.24 29.68 20.95
N HIS B 94 -25.94 30.84 20.38
CA HIS B 94 -26.92 31.92 20.16
C HIS B 94 -26.66 32.65 18.84
N ARG B 95 -27.72 32.83 18.04
CA ARG B 95 -27.71 33.74 16.88
C ARG B 95 -26.66 33.33 15.84
N ARG B 96 -26.67 32.04 15.51
CA ARG B 96 -25.63 31.44 14.68
C ARG B 96 -26.21 30.35 13.77
N LEU B 97 -25.64 30.21 12.58
CA LEU B 97 -25.96 29.11 11.66
C LEU B 97 -25.25 27.85 12.13
N LEU B 98 -25.97 26.75 12.23
CA LEU B 98 -25.46 25.50 12.79
C LEU B 98 -25.33 24.40 11.75
N TRP B 99 -24.39 23.49 12.00
CA TRP B 99 -24.27 22.23 11.27
C TRP B 99 -24.14 21.13 12.29
N PRO B 100 -25.08 20.17 12.30
CA PRO B 100 -24.93 19.03 13.19
C PRO B 100 -23.79 18.13 12.73
N ILE B 101 -23.01 17.64 13.69
CA ILE B 101 -21.83 16.85 13.43
C ILE B 101 -22.16 15.42 13.87
N ARG B 102 -22.25 14.51 12.91
CA ARG B 102 -22.64 13.13 13.17
C ARG B 102 -21.47 12.15 13.13
N THR B 103 -21.70 10.95 13.68
CA THR B 103 -20.76 9.83 13.62
C THR B 103 -20.95 9.08 12.31
N SER B 104 -20.13 8.05 12.09
CA SER B 104 -20.31 7.11 10.96
C SER B 104 -21.71 6.45 10.96
N ALA B 105 -22.22 6.15 12.16
CA ALA B 105 -23.56 5.57 12.33
C ALA B 105 -24.72 6.55 12.07
N GLY B 106 -24.43 7.84 12.04
CA GLY B 106 -25.46 8.87 11.89
C GLY B 106 -26.03 9.33 13.22
N GLU B 107 -25.29 9.09 14.31
CA GLU B 107 -25.68 9.55 15.65
C GLU B 107 -25.13 10.96 15.84
N VAL B 108 -25.99 11.89 16.27
CA VAL B 108 -25.59 13.30 16.41
C VAL B 108 -24.81 13.48 17.73
N VAL B 109 -23.56 13.94 17.62
CA VAL B 109 -22.66 14.12 18.79
C VAL B 109 -22.41 15.58 19.18
N GLY B 110 -22.57 16.50 18.24
CA GLY B 110 -22.34 17.93 18.52
C GLY B 110 -22.72 18.84 17.37
N PHE B 111 -22.28 20.09 17.46
CA PHE B 111 -22.63 21.14 16.51
C PHE B 111 -21.43 22.05 16.23
N GLY B 112 -21.37 22.56 14.99
CA GLY B 112 -20.42 23.59 14.59
C GLY B 112 -21.24 24.83 14.25
N ALA B 113 -20.95 25.94 14.93
CA ALA B 113 -21.79 27.14 14.87
C ALA B 113 -21.05 28.32 14.26
N ARG B 114 -21.62 28.92 13.20
CA ARG B 114 -21.00 30.06 12.51
C ARG B 114 -21.60 31.42 12.92
N ARG B 115 -20.74 32.42 13.04
CA ARG B 115 -21.16 33.80 13.34
C ARG B 115 -21.98 34.40 12.20
N LEU B 116 -22.96 35.25 12.54
CA LEU B 116 -23.78 35.95 11.55
C LEU B 116 -24.09 37.43 11.81
N PHE B 117 -23.65 37.97 12.96
CA PHE B 117 -24.04 39.33 13.37
C PHE B 117 -22.85 40.10 13.95
N ASP B 118 -22.80 41.40 13.68
CA ASP B 118 -21.71 42.27 14.16
C ASP B 118 -21.75 42.50 15.68
N ASP B 119 -22.97 42.59 16.23
CA ASP B 119 -23.18 42.74 17.68
C ASP B 119 -23.15 41.41 18.47
N ASP B 120 -22.68 40.32 17.85
CA ASP B 120 -22.55 39.02 18.50
C ASP B 120 -21.49 39.08 19.59
N ALA B 121 -21.84 38.59 20.78
CA ALA B 121 -20.93 38.59 21.94
C ALA B 121 -19.76 37.63 21.75
N MET B 122 -20.02 36.48 21.12
CA MET B 122 -18.98 35.50 20.81
C MET B 122 -18.04 36.04 19.74
N GLU B 123 -16.74 35.91 19.98
CA GLU B 123 -15.72 36.54 19.14
C GLU B 123 -15.49 35.77 17.85
N ALA B 124 -15.21 34.47 17.99
CA ALA B 124 -14.75 33.61 16.88
C ALA B 124 -15.75 33.50 15.72
N LYS B 125 -15.18 33.28 14.52
CA LYS B 125 -15.96 33.04 13.31
C LYS B 125 -16.72 31.72 13.38
N TYR B 126 -16.05 30.69 13.94
CA TYR B 126 -16.65 29.39 14.20
C TYR B 126 -16.43 29.00 15.66
N VAL B 127 -17.42 28.32 16.24
CA VAL B 127 -17.30 27.69 17.56
C VAL B 127 -18.00 26.34 17.51
N ASN B 128 -17.51 25.39 18.30
CA ASN B 128 -18.04 24.03 18.34
C ASN B 128 -18.49 23.61 19.74
N THR B 129 -19.13 22.46 19.81
CA THR B 129 -19.45 21.78 21.06
C THR B 129 -18.15 21.45 21.81
N PRO B 130 -18.13 21.64 23.15
CA PRO B 130 -16.92 21.29 23.91
C PRO B 130 -16.68 19.78 23.99
N GLU B 131 -15.58 19.38 24.63
CA GLU B 131 -15.24 17.97 24.78
C GLU B 131 -16.20 17.29 25.74
N THR B 132 -16.82 16.20 25.28
CA THR B 132 -17.77 15.41 26.06
C THR B 132 -17.41 13.92 25.87
N LEU B 133 -18.24 13.05 26.43
CA LEU B 133 -18.15 11.63 26.15
C LEU B 133 -18.47 11.34 24.67
N LEU B 134 -19.41 12.10 24.11
CA LEU B 134 -19.83 11.94 22.71
C LEU B 134 -18.92 12.64 21.71
N TYR B 135 -18.59 13.90 21.98
CA TYR B 135 -17.88 14.76 21.03
C TYR B 135 -16.37 14.78 21.28
N LYS B 136 -15.63 14.05 20.44
CA LYS B 136 -14.18 14.03 20.48
C LYS B 136 -13.62 14.79 19.28
N LYS B 137 -13.33 16.06 19.50
CA LYS B 137 -12.80 17.02 18.51
C LYS B 137 -11.73 16.44 17.56
N SER B 138 -10.74 15.77 18.17
CA SER B 138 -9.59 15.22 17.45
C SER B 138 -9.90 14.06 16.50
N SER B 139 -10.97 13.31 16.78
CA SER B 139 -11.42 12.21 15.92
C SER B 139 -12.66 12.53 15.07
N VAL B 140 -13.35 13.62 15.40
CA VAL B 140 -14.61 13.99 14.77
C VAL B 140 -14.38 14.61 13.40
N MET B 141 -15.24 14.27 12.43
CA MET B 141 -15.21 14.83 11.07
C MET B 141 -16.61 15.09 10.51
N PHE B 142 -16.80 16.28 9.94
CA PHE B 142 -18.06 16.65 9.31
C PHE B 142 -18.14 15.94 7.96
N GLY B 143 -19.35 15.49 7.60
CA GLY B 143 -19.59 14.76 6.35
C GLY B 143 -19.42 13.25 6.41
N ILE B 144 -18.97 12.72 7.55
CA ILE B 144 -18.59 11.30 7.67
C ILE B 144 -19.77 10.33 7.51
N ASP B 145 -20.93 10.70 8.06
CA ASP B 145 -22.15 9.90 7.93
C ASP B 145 -22.52 9.64 6.46
N LEU B 146 -22.40 10.67 5.63
CA LEU B 146 -22.71 10.58 4.20
C LEU B 146 -21.60 9.88 3.41
N ALA B 147 -20.35 10.23 3.72
CA ALA B 147 -19.19 9.74 2.95
C ALA B 147 -18.79 8.29 3.25
N LYS B 148 -18.98 7.85 4.49
CA LYS B 148 -18.67 6.48 4.96
C LYS B 148 -18.70 5.37 3.89
N ARG B 149 -19.84 5.20 3.24
CA ARG B 149 -20.02 4.16 2.23
C ARG B 149 -19.28 4.46 0.92
N ASP B 150 -19.30 5.73 0.50
CA ASP B 150 -18.66 6.14 -0.75
C ASP B 150 -17.12 6.14 -0.70
N ILE B 151 -16.54 6.34 0.49
CA ILE B 151 -15.07 6.29 0.64
C ILE B 151 -14.53 4.86 0.62
N ALA B 152 -15.30 3.93 1.17
CA ALA B 152 -14.91 2.50 1.18
C ALA B 152 -15.14 1.86 -0.19
N LYS B 153 -16.31 2.11 -0.77
CA LYS B 153 -16.67 1.64 -2.12
C LYS B 153 -15.73 2.23 -3.17
N GLY B 154 -15.58 3.56 -3.16
CA GLY B 154 -14.71 4.27 -4.09
C GLY B 154 -13.22 4.13 -3.85
N HIS B 155 -12.83 3.80 -2.62
CA HIS B 155 -11.42 3.72 -2.20
C HIS B 155 -10.71 5.06 -2.40
N GLN B 156 -11.31 6.08 -1.78
CA GLN B 156 -10.92 7.47 -1.96
C GLN B 156 -11.48 8.30 -0.80
N ALA B 157 -10.72 9.31 -0.36
CA ALA B 157 -11.24 10.30 0.58
C ALA B 157 -10.70 11.68 0.21
N VAL B 158 -11.60 12.66 0.22
CA VAL B 158 -11.26 14.04 -0.08
C VAL B 158 -11.39 14.84 1.20
N VAL B 159 -10.25 15.30 1.73
CA VAL B 159 -10.20 16.14 2.91
C VAL B 159 -10.27 17.60 2.46
N VAL B 160 -11.20 18.35 3.05
CA VAL B 160 -11.38 19.79 2.75
C VAL B 160 -11.39 20.59 4.05
N GLU B 161 -11.32 21.92 3.93
CA GLU B 161 -11.15 22.79 5.10
C GLU B 161 -12.43 22.95 5.94
N GLY B 162 -13.43 23.65 5.39
CA GLY B 162 -14.62 24.05 6.15
C GLY B 162 -15.89 23.23 5.94
N TYR B 163 -16.98 23.71 6.54
CA TYR B 163 -18.29 23.07 6.45
C TYR B 163 -18.91 23.25 5.05
N THR B 164 -18.90 24.49 4.55
CA THR B 164 -19.40 24.79 3.19
C THR B 164 -18.59 24.14 2.06
N ASP B 165 -17.32 23.83 2.32
CA ASP B 165 -16.51 23.07 1.36
C ASP B 165 -17.01 21.63 1.20
N VAL B 166 -17.44 21.01 2.31
CA VAL B 166 -17.98 19.64 2.31
C VAL B 166 -19.33 19.58 1.60
N MET B 167 -20.18 20.58 1.85
CA MET B 167 -21.49 20.67 1.21
C MET B 167 -21.32 20.82 -0.30
N ALA B 168 -20.47 21.77 -0.70
CA ALA B 168 -20.16 22.02 -2.12
C ALA B 168 -19.62 20.80 -2.86
N MET B 169 -18.74 20.05 -2.20
CA MET B 169 -18.19 18.82 -2.78
C MET B 169 -19.26 17.74 -2.96
N HIS B 170 -20.07 17.53 -1.92
CA HIS B 170 -21.13 16.52 -1.96
C HIS B 170 -22.22 16.82 -3.00
N LEU B 171 -22.61 18.09 -3.11
CA LEU B 171 -23.58 18.52 -4.13
C LEU B 171 -23.02 18.45 -5.56
N ALA B 172 -21.71 18.54 -5.70
CA ALA B 172 -21.04 18.43 -7.01
C ALA B 172 -20.65 16.98 -7.37
N GLY B 173 -21.12 15.99 -6.61
CA GLY B 173 -20.85 14.57 -6.90
C GLY B 173 -19.71 13.94 -6.11
N VAL B 174 -18.80 14.77 -5.59
CA VAL B 174 -17.68 14.28 -4.78
C VAL B 174 -18.24 13.98 -3.39
N THR B 175 -18.81 12.78 -3.26
CA THR B 175 -19.46 12.35 -2.03
C THR B 175 -18.49 11.72 -1.00
N THR B 176 -17.21 11.60 -1.37
CA THR B 176 -16.15 11.16 -0.46
C THR B 176 -15.59 12.27 0.45
N ALA B 177 -16.08 13.51 0.28
CA ALA B 177 -15.53 14.67 0.97
C ALA B 177 -15.86 14.72 2.47
N VAL B 178 -14.85 15.08 3.27
CA VAL B 178 -14.97 15.26 4.73
C VAL B 178 -14.13 16.45 5.17
N ALA B 179 -14.35 16.92 6.40
CA ALA B 179 -13.64 18.09 6.94
C ALA B 179 -13.16 17.91 8.38
N SER B 180 -12.03 18.57 8.69
CA SER B 180 -11.33 18.44 9.98
C SER B 180 -12.21 18.80 11.18
N CYS B 181 -12.99 19.87 11.04
CA CYS B 181 -14.11 20.18 11.96
C CYS B 181 -13.70 20.65 13.36
N GLY B 182 -13.32 21.93 13.46
CA GLY B 182 -12.94 22.56 14.74
C GLY B 182 -11.44 22.82 14.94
N THR B 183 -10.59 21.94 14.42
CA THR B 183 -9.13 22.02 14.56
C THR B 183 -8.40 21.56 13.29
N ALA B 184 -7.08 21.52 13.35
CA ALA B 184 -6.26 20.97 12.27
C ALA B 184 -6.51 19.48 12.08
N PHE B 185 -6.33 19.02 10.84
CA PHE B 185 -6.41 17.61 10.51
C PHE B 185 -5.23 16.89 11.13
N GLY B 186 -5.45 15.65 11.62
CA GLY B 186 -4.48 14.97 12.48
C GLY B 186 -4.48 13.45 12.40
N GLY B 187 -3.92 12.84 13.44
CA GLY B 187 -3.63 11.40 13.47
C GLY B 187 -4.83 10.49 13.61
N GLU B 188 -5.73 10.85 14.53
CA GLU B 188 -6.98 10.09 14.72
C GLU B 188 -7.91 10.22 13.51
N HIS B 189 -7.91 11.39 12.86
CA HIS B 189 -8.68 11.61 11.63
C HIS B 189 -8.20 10.68 10.51
N LEU B 190 -6.89 10.67 10.28
CA LEU B 190 -6.25 9.73 9.35
C LEU B 190 -6.56 8.28 9.71
N ALA B 191 -6.31 7.92 10.97
CA ALA B 191 -6.61 6.58 11.50
C ALA B 191 -8.05 6.16 11.25
N MET B 192 -8.99 7.09 11.46
CA MET B 192 -10.40 6.85 11.20
C MET B 192 -10.64 6.57 9.70
N LEU B 193 -10.18 7.49 8.85
CA LEU B 193 -10.34 7.38 7.39
C LEU B 193 -9.69 6.14 6.80
N ARG B 194 -8.44 5.90 7.23
CA ARG B 194 -7.66 4.74 6.79
C ARG B 194 -8.36 3.42 7.08
N ARG B 195 -9.00 3.31 8.24
CA ARG B 195 -9.71 2.10 8.68
C ARG B 195 -10.87 1.73 7.73
N LEU B 196 -11.59 2.73 7.22
CA LEU B 196 -12.71 2.52 6.28
C LEU B 196 -12.27 2.03 4.90
N MET B 197 -11.14 2.56 4.41
CA MET B 197 -10.58 2.14 3.12
C MET B 197 -9.92 0.76 3.14
N MET B 198 -9.64 0.23 4.32
CA MET B 198 -9.02 -1.10 4.44
C MET B 198 -9.94 -2.19 3.92
N ASP B 199 -9.34 -3.16 3.23
CA ASP B 199 -10.02 -4.37 2.81
C ASP B 199 -9.08 -5.58 2.97
N ASP B 200 -9.53 -6.59 3.70
CA ASP B 200 -8.77 -7.83 3.92
C ASP B 200 -7.41 -7.56 4.59
N SER B 201 -7.41 -6.68 5.60
CA SER B 201 -6.20 -6.25 6.32
C SER B 201 -5.16 -5.54 5.43
N PHE B 202 -5.62 -4.83 4.40
CA PHE B 202 -4.76 -4.07 3.48
C PHE B 202 -5.40 -2.73 3.15
N PHE B 203 -4.60 -1.67 3.17
CA PHE B 203 -5.03 -0.34 2.71
C PHE B 203 -4.69 -0.21 1.22
N ARG B 204 -5.68 0.24 0.44
CA ARG B 204 -5.51 0.37 -1.02
C ARG B 204 -5.92 1.71 -1.65
N GLY B 205 -6.77 2.50 -0.98
CA GLY B 205 -7.33 3.71 -1.57
C GLY B 205 -6.36 4.87 -1.68
N GLU B 206 -6.90 6.04 -2.02
CA GLU B 206 -6.11 7.28 -2.12
C GLU B 206 -6.70 8.40 -1.26
N LEU B 207 -5.81 9.30 -0.82
CA LEU B 207 -6.09 10.23 0.26
C LEU B 207 -5.78 11.65 -0.22
N ILE B 208 -6.81 12.34 -0.70
CA ILE B 208 -6.66 13.58 -1.43
C ILE B 208 -6.90 14.77 -0.51
N TYR B 209 -5.96 15.71 -0.48
CA TYR B 209 -6.07 16.92 0.34
C TYR B 209 -6.27 18.14 -0.55
N VAL B 210 -7.43 18.78 -0.40
CA VAL B 210 -7.74 20.00 -1.13
C VAL B 210 -7.36 21.19 -0.25
N PHE B 211 -6.86 22.25 -0.89
CA PHE B 211 -6.38 23.43 -0.18
C PHE B 211 -6.89 24.72 -0.82
N ASP B 212 -6.78 25.80 -0.03
CA ASP B 212 -7.24 27.14 -0.40
C ASP B 212 -6.01 28.03 -0.55
N GLY B 213 -5.75 28.47 -1.78
CA GLY B 213 -4.48 29.13 -2.11
C GLY B 213 -3.36 28.12 -2.21
N ASP B 214 -2.17 28.60 -2.58
CA ASP B 214 -1.06 27.71 -2.95
C ASP B 214 -0.14 27.40 -1.76
N GLU B 215 0.21 28.42 -0.99
CA GLU B 215 1.18 28.28 0.13
C GLU B 215 0.66 27.40 1.27
N ALA B 216 -0.66 27.37 1.47
CA ALA B 216 -1.29 26.47 2.43
C ALA B 216 -1.01 25.00 2.09
N GLY B 217 -1.10 24.67 0.80
CA GLY B 217 -0.78 23.33 0.30
C GLY B 217 0.71 23.02 0.27
N ARG B 218 1.52 23.99 -0.11
CA ARG B 218 3.00 23.88 -0.01
C ARG B 218 3.41 23.68 1.44
N ALA B 219 2.73 24.38 2.35
CA ALA B 219 2.89 24.25 3.82
C ALA B 219 2.15 23.04 4.44
N ALA B 220 1.50 22.20 3.60
CA ALA B 220 1.08 20.81 3.94
C ALA B 220 1.97 19.70 3.35
N ALA B 221 2.48 19.94 2.14
CA ALA B 221 3.40 19.03 1.44
C ALA B 221 4.77 18.87 2.12
N LEU B 222 5.37 19.99 2.52
CA LEU B 222 6.49 20.04 3.51
C LEU B 222 6.51 18.92 4.57
N LYS B 223 5.36 18.65 5.17
CA LYS B 223 5.23 17.79 6.34
C LYS B 223 5.05 16.35 5.91
N ALA B 224 4.92 16.12 4.60
CA ALA B 224 4.89 14.77 4.04
C ALA B 224 6.15 13.99 4.41
N PHE B 225 7.30 14.66 4.40
CA PHE B 225 8.58 14.04 4.71
C PHE B 225 8.86 13.99 6.21
N ASP B 226 8.07 14.69 7.02
CA ASP B 226 8.33 14.81 8.47
C ASP B 226 8.41 13.47 9.19
N GLY B 227 7.39 12.63 9.01
CA GLY B 227 7.34 11.32 9.68
C GLY B 227 7.40 10.15 8.71
N GLU B 228 6.56 10.21 7.68
CA GLU B 228 6.43 9.18 6.62
C GLU B 228 5.82 7.84 7.07
N GLN B 229 5.40 7.73 8.33
CA GLN B 229 4.70 6.54 8.83
C GLN B 229 3.37 6.39 8.08
N LYS B 230 2.77 7.55 7.79
CA LYS B 230 1.56 7.65 7.00
C LYS B 230 1.80 7.16 5.56
N LEU B 231 0.74 7.26 4.78
CA LEU B 231 0.66 6.71 3.46
C LEU B 231 0.93 7.89 2.54
N ALA B 232 2.20 8.29 2.51
CA ALA B 232 2.67 9.39 1.67
C ALA B 232 2.59 9.02 0.20
N GLY B 233 2.81 7.73 -0.10
CA GLY B 233 2.62 7.19 -1.44
C GLY B 233 1.19 7.21 -1.90
N GLN B 234 0.25 7.08 -0.96
CA GLN B 234 -1.19 7.12 -1.26
C GLN B 234 -1.83 8.47 -0.92
N SER B 235 -1.00 9.48 -0.64
CA SER B 235 -1.49 10.83 -0.39
C SER B 235 -1.37 11.68 -1.63
N PHE B 236 -2.30 12.62 -1.78
CA PHE B 236 -2.43 13.43 -2.97
C PHE B 236 -2.87 14.85 -2.61
N VAL B 237 -2.59 15.80 -3.51
CA VAL B 237 -2.90 17.21 -3.31
C VAL B 237 -3.68 17.77 -4.50
N ALA B 238 -4.66 18.62 -4.19
CA ALA B 238 -5.42 19.35 -5.19
C ALA B 238 -5.51 20.79 -4.73
N VAL B 239 -5.13 21.73 -5.59
CA VAL B 239 -5.20 23.16 -5.29
C VAL B 239 -6.12 23.84 -6.29
N ALA B 240 -7.08 24.61 -5.80
CA ALA B 240 -8.02 25.33 -6.66
C ALA B 240 -7.30 26.50 -7.32
N PRO B 241 -7.72 26.89 -8.56
CA PRO B 241 -7.15 28.02 -9.29
C PRO B 241 -6.91 29.26 -8.44
N ASP B 242 -5.75 29.89 -8.65
CA ASP B 242 -5.17 30.90 -7.74
C ASP B 242 -6.19 31.74 -6.96
N GLY B 243 -6.31 31.47 -5.66
CA GLY B 243 -7.14 32.25 -4.74
C GLY B 243 -8.28 31.49 -4.08
N MET B 244 -8.96 30.65 -4.84
CA MET B 244 -10.29 30.13 -4.46
C MET B 244 -10.25 28.90 -3.55
N ASP B 245 -11.44 28.52 -3.07
CA ASP B 245 -11.67 27.28 -2.31
C ASP B 245 -12.93 26.57 -2.86
N PRO B 246 -13.15 25.28 -2.52
CA PRO B 246 -14.25 24.49 -3.12
C PRO B 246 -15.64 25.13 -3.18
N CYS B 247 -16.04 25.83 -2.12
CA CYS B 247 -17.34 26.52 -2.11
C CYS B 247 -17.37 27.62 -3.17
N ASP B 248 -16.41 28.54 -3.08
CA ASP B 248 -16.27 29.66 -4.03
C ASP B 248 -15.92 29.24 -5.46
N LEU B 249 -15.26 28.09 -5.62
CA LEU B 249 -15.01 27.53 -6.96
C LEU B 249 -16.33 27.09 -7.61
N ARG B 250 -17.24 26.54 -6.81
CA ARG B 250 -18.54 26.06 -7.32
C ARG B 250 -19.42 27.21 -7.83
N LEU B 251 -19.43 28.33 -7.12
CA LEU B 251 -20.14 29.54 -7.54
C LEU B 251 -19.66 30.07 -8.89
N LYS B 252 -18.35 30.26 -9.00
CA LYS B 252 -17.74 30.86 -10.19
C LYS B 252 -17.80 29.95 -11.43
N CYS B 253 -17.47 28.67 -11.27
CA CYS B 253 -17.28 27.74 -12.40
C CYS B 253 -18.10 26.43 -12.38
N GLY B 254 -19.05 26.30 -11.46
CA GLY B 254 -19.98 25.16 -11.44
C GLY B 254 -19.42 23.84 -10.97
N ASP B 255 -20.31 22.85 -10.86
CA ASP B 255 -20.01 21.53 -10.25
C ASP B 255 -18.99 20.66 -11.01
N ALA B 256 -18.74 20.97 -12.29
CA ALA B 256 -17.73 20.27 -13.09
C ALA B 256 -16.29 20.55 -12.63
N ALA B 257 -16.02 21.81 -12.29
CA ALA B 257 -14.69 22.23 -11.81
C ALA B 257 -14.24 21.51 -10.54
N LEU B 258 -15.19 21.18 -9.66
CA LEU B 258 -14.89 20.42 -8.44
C LEU B 258 -14.59 18.95 -8.73
N ARG B 259 -15.40 18.31 -9.57
CA ARG B 259 -15.15 16.92 -9.99
C ARG B 259 -13.76 16.74 -10.62
N ASP B 260 -13.35 17.72 -11.41
CA ASP B 260 -12.08 17.66 -12.14
C ASP B 260 -10.87 18.18 -11.33
N LEU B 261 -11.12 19.05 -10.36
CA LEU B 261 -10.10 19.44 -9.36
C LEU B 261 -9.61 18.21 -8.60
N VAL B 262 -10.54 17.38 -8.17
CA VAL B 262 -10.25 16.10 -7.54
C VAL B 262 -9.59 15.13 -8.51
N ALA B 263 -10.13 15.02 -9.72
CA ALA B 263 -9.64 14.05 -10.70
C ALA B 263 -8.19 14.34 -11.08
N ARG B 264 -7.94 15.55 -11.55
CA ARG B 264 -6.61 15.99 -11.99
C ARG B 264 -5.83 16.56 -10.82
N ARG B 265 -5.39 15.66 -9.94
CA ARG B 265 -4.67 15.99 -8.71
C ARG B 265 -3.17 15.69 -8.89
N THR B 266 -2.42 15.73 -7.80
CA THR B 266 -0.97 15.44 -7.81
C THR B 266 -0.59 14.62 -6.56
N PRO B 267 0.34 13.65 -6.69
CA PRO B 267 0.90 12.97 -5.50
C PRO B 267 1.61 13.92 -4.55
N LEU B 268 1.63 13.56 -3.26
CA LEU B 268 2.08 14.46 -2.20
C LEU B 268 3.56 14.82 -2.31
N PHE B 269 4.41 13.84 -2.62
CA PHE B 269 5.84 14.10 -2.82
C PHE B 269 6.10 14.88 -4.11
N GLU B 270 5.44 14.49 -5.22
CA GLU B 270 5.58 15.17 -6.51
C GLU B 270 5.28 16.66 -6.42
N PHE B 271 4.13 17.00 -5.85
CA PHE B 271 3.71 18.39 -5.65
C PHE B 271 4.77 19.21 -4.90
N ALA B 272 5.36 18.62 -3.86
CA ALA B 272 6.39 19.28 -3.04
C ALA B 272 7.70 19.54 -3.79
N ILE B 273 8.17 18.53 -4.53
CA ILE B 273 9.40 18.60 -5.32
C ILE B 273 9.27 19.68 -6.41
N ARG B 274 8.19 19.60 -7.19
CA ARG B 274 7.93 20.52 -8.29
C ARG B 274 7.68 21.96 -7.82
N ALA B 275 7.12 22.11 -6.62
CA ALA B 275 6.96 23.42 -5.98
C ALA B 275 8.31 24.09 -5.74
N ALA B 276 9.32 23.29 -5.40
CA ALA B 276 10.70 23.78 -5.24
C ALA B 276 11.37 24.15 -6.57
N ILE B 277 11.09 23.38 -7.62
CA ILE B 277 11.62 23.70 -8.97
C ILE B 277 10.94 24.96 -9.51
N ALA B 278 9.63 25.10 -9.26
CA ALA B 278 8.87 26.28 -9.69
C ALA B 278 9.53 27.58 -9.25
N GLU B 279 9.90 27.65 -7.97
CA GLU B 279 10.68 28.76 -7.44
C GLU B 279 12.15 28.49 -7.70
N MET B 280 12.58 28.63 -8.95
CA MET B 280 13.99 28.41 -9.34
C MET B 280 14.34 29.04 -10.69
N ASP B 281 15.60 29.43 -10.85
CA ASP B 281 16.04 30.25 -12.00
C ASP B 281 16.00 29.43 -13.29
N LEU B 282 16.67 28.28 -13.29
CA LEU B 282 16.57 27.28 -14.37
C LEU B 282 17.01 27.78 -15.76
N ASP B 283 17.87 28.80 -15.80
CA ASP B 283 18.41 29.36 -17.04
C ASP B 283 19.92 29.14 -17.07
N SER B 284 20.41 28.52 -18.15
CA SER B 284 21.78 28.01 -18.24
C SER B 284 22.02 26.94 -17.16
N ALA B 285 23.28 26.61 -16.89
CA ALA B 285 23.63 25.63 -15.84
C ALA B 285 23.61 26.18 -14.40
N GLU B 286 23.61 27.51 -14.24
CA GLU B 286 23.73 28.17 -12.93
C GLU B 286 22.59 27.82 -11.98
N GLY B 287 21.37 28.20 -12.33
CA GLY B 287 20.18 27.85 -11.56
C GLY B 287 19.71 26.41 -11.72
N ARG B 288 20.16 25.76 -12.79
CA ARG B 288 19.80 24.36 -13.09
C ARG B 288 20.38 23.41 -12.05
N VAL B 289 21.66 23.60 -11.70
CA VAL B 289 22.33 22.82 -10.66
C VAL B 289 21.81 23.19 -9.26
N ALA B 290 21.50 24.47 -9.06
CA ALA B 290 20.89 24.96 -7.82
C ALA B 290 19.53 24.31 -7.48
N ALA B 291 18.82 23.82 -8.50
CA ALA B 291 17.62 23.00 -8.30
C ALA B 291 17.96 21.63 -7.71
N LEU B 292 18.83 20.89 -8.40
CA LEU B 292 19.29 19.56 -7.95
C LEU B 292 19.93 19.60 -6.57
N ARG B 293 20.85 20.55 -6.40
CA ARG B 293 21.46 20.86 -5.11
C ARG B 293 20.44 20.86 -3.97
N ARG B 294 19.32 21.55 -4.17
CA ARG B 294 18.32 21.76 -3.12
C ARG B 294 17.32 20.59 -2.93
N CYS B 295 17.02 19.84 -3.99
CA CYS B 295 15.92 18.86 -3.97
C CYS B 295 16.26 17.38 -4.27
N VAL B 296 17.54 17.03 -4.39
CA VAL B 296 17.95 15.62 -4.16
C VAL B 296 18.07 15.29 -2.65
N PRO B 297 18.26 16.31 -1.77
CA PRO B 297 17.95 16.08 -0.34
C PRO B 297 16.49 15.70 -0.06
N MET B 298 15.55 16.31 -0.79
CA MET B 298 14.13 15.97 -0.69
C MET B 298 13.86 14.51 -1.09
N VAL B 299 14.46 14.08 -2.19
CA VAL B 299 14.38 12.69 -2.63
C VAL B 299 15.09 11.76 -1.63
N GLY B 300 16.25 12.20 -1.14
CA GLY B 300 17.00 11.46 -0.11
C GLY B 300 16.22 11.14 1.16
N GLN B 301 15.32 12.04 1.53
CA GLN B 301 14.44 11.86 2.71
C GLN B 301 13.34 10.81 2.54
N ILE B 302 12.98 10.47 1.29
CA ILE B 302 11.92 9.48 1.04
C ILE B 302 12.37 8.09 1.51
N LYS B 303 11.60 7.52 2.43
CA LYS B 303 11.96 6.27 3.11
C LYS B 303 11.59 5.04 2.30
N ASP B 304 10.53 5.14 1.50
CA ASP B 304 10.11 4.06 0.62
C ASP B 304 11.07 3.97 -0.58
N PRO B 305 11.84 2.86 -0.70
CA PRO B 305 12.85 2.76 -1.77
C PRO B 305 12.27 2.62 -3.18
N THR B 306 11.13 1.95 -3.29
CA THR B 306 10.37 1.88 -4.54
C THR B 306 10.00 3.30 -5.00
N LEU B 307 9.54 4.10 -4.05
CA LEU B 307 9.03 5.44 -4.33
C LEU B 307 10.17 6.45 -4.53
N ARG B 308 11.23 6.31 -3.76
CA ARG B 308 12.43 7.15 -3.93
C ARG B 308 13.10 6.94 -5.28
N ASP B 309 13.18 5.70 -5.73
CA ASP B 309 13.73 5.37 -7.04
C ASP B 309 12.92 6.00 -8.18
N GLU B 310 11.60 6.08 -8.02
CA GLU B 310 10.75 6.75 -9.01
C GLU B 310 11.00 8.25 -9.11
N TYR B 311 11.23 8.92 -7.98
CA TYR B 311 11.50 10.37 -7.99
C TYR B 311 12.92 10.74 -8.45
N ALA B 312 13.88 9.85 -8.21
CA ALA B 312 15.24 10.04 -8.72
C ALA B 312 15.30 9.94 -10.25
N ARG B 313 14.59 8.95 -10.79
CA ARG B 313 14.42 8.76 -12.24
C ARG B 313 13.95 10.04 -12.95
N GLN B 314 13.00 10.73 -12.33
CA GLN B 314 12.33 11.90 -12.93
C GLN B 314 12.96 13.25 -12.58
N LEU B 315 13.95 13.26 -11.69
CA LEU B 315 14.48 14.52 -11.14
C LEU B 315 15.27 15.32 -12.17
N ALA B 316 16.16 14.64 -12.89
CA ALA B 316 16.97 15.26 -13.95
C ALA B 316 16.10 15.88 -15.05
N GLY B 317 15.05 15.14 -15.46
CA GLY B 317 14.10 15.61 -16.46
C GLY B 317 13.38 16.89 -16.08
N TRP B 318 12.89 16.96 -14.86
CA TRP B 318 12.12 18.12 -14.38
C TRP B 318 12.94 19.40 -14.33
N VAL B 319 14.21 19.30 -13.94
CA VAL B 319 15.11 20.47 -13.95
C VAL B 319 15.65 20.82 -15.34
N GLY B 320 15.88 19.83 -16.20
CA GLY B 320 16.28 20.07 -17.60
C GLY B 320 17.46 19.29 -18.17
N TRP B 321 18.27 18.68 -17.28
CA TRP B 321 19.48 17.95 -17.68
C TRP B 321 19.23 16.62 -18.41
N ALA B 322 18.02 16.08 -18.33
CA ALA B 322 17.63 14.87 -19.05
C ALA B 322 16.34 15.09 -19.82
N ASP B 323 16.00 14.11 -20.66
CA ASP B 323 14.74 14.13 -21.41
C ASP B 323 13.60 13.70 -20.50
N VAL B 324 12.49 14.42 -20.57
CA VAL B 324 11.31 14.13 -19.74
C VAL B 324 10.44 13.03 -20.39
#